data_3O38
#
_entry.id   3O38
#
_cell.length_a   77.810
_cell.length_b   75.720
_cell.length_c   80.030
_cell.angle_alpha   90.000
_cell.angle_beta   102.710
_cell.angle_gamma   90.000
#
_symmetry.space_group_name_H-M   'P 1 21 1'
#
loop_
_entity.id
_entity.type
_entity.pdbx_description
1 polymer 'Short chain dehydrogenase'
2 non-polymer 'SODIUM ION'
3 water water
#
_entity_poly.entity_id   1
_entity_poly.type   'polypeptide(L)'
_entity_poly.pdbx_seq_one_letter_code
;GPGSMNLSEAPKEIDGHGLLKGKVVLVTAAAGTGIGSTTARRALLEGADVVISDYHERRLGETRDQLADLGLGRVEAVVC
DVTSTEAVDALITQTVEKAGRLDVLVNNAGLGGQTPVVDMTDEEWDRVLNVTLTSVMRATRAALRYFRGVDHGGVIVNNA
SVLGWRAQHSQSHYAAAKAGVMALTRCSAIEAVEFGVRINAVSPSIARHKFLEKTSSSELLDRLASDEAFGRAAEPWEVA
ATIAFLASDYSSYMTGEVVSVSSQRA
;
_entity_poly.pdbx_strand_id   A,B,C,D
#
# COMPACT_ATOMS: atom_id res chain seq x y z
N ASN A 6 -31.01 -0.41 0.59
CA ASN A 6 -30.25 -1.68 0.57
C ASN A 6 -29.17 -1.64 -0.52
N LEU A 7 -27.92 -1.63 -0.10
CA LEU A 7 -26.77 -1.57 -1.01
C LEU A 7 -26.50 -2.92 -1.66
N SER A 8 -27.19 -3.97 -1.21
CA SER A 8 -26.99 -5.31 -1.80
C SER A 8 -27.85 -5.54 -3.03
N GLU A 9 -28.76 -4.60 -3.27
CA GLU A 9 -29.58 -4.59 -4.47
C GLU A 9 -28.86 -3.89 -5.61
N ALA A 10 -28.86 -4.51 -6.79
CA ALA A 10 -28.17 -3.97 -7.97
C ALA A 10 -28.76 -2.62 -8.41
N PRO A 11 -27.98 -1.53 -8.37
CA PRO A 11 -28.50 -0.21 -8.77
C PRO A 11 -28.65 -0.07 -10.29
N LYS A 12 -29.57 0.77 -10.71
CA LYS A 12 -29.80 1.06 -12.11
C LYS A 12 -28.70 1.99 -12.66
N GLU A 13 -28.22 1.69 -13.87
CA GLU A 13 -27.27 2.53 -14.56
C GLU A 13 -27.77 3.97 -14.63
N ILE A 14 -26.89 4.90 -14.24
CA ILE A 14 -27.23 6.33 -14.18
C ILE A 14 -27.14 7.00 -15.58
N ASP A 15 -27.88 8.11 -15.76
CA ASP A 15 -27.83 8.89 -17.01
C ASP A 15 -26.44 9.50 -17.25
N GLY A 16 -26.17 9.91 -18.48
CA GLY A 16 -24.99 10.71 -18.73
C GLY A 16 -25.14 12.08 -18.08
N HIS A 17 -24.01 12.72 -17.81
CA HIS A 17 -23.99 14.06 -17.22
C HIS A 17 -23.06 14.95 -18.03
N GLY A 18 -22.81 14.59 -19.30
CA GLY A 18 -21.99 15.42 -20.18
C GLY A 18 -20.49 15.47 -19.84
N LEU A 19 -19.95 14.41 -19.26
CA LEU A 19 -18.56 14.45 -18.75
C LEU A 19 -17.53 14.33 -19.84
N LEU A 20 -17.94 13.93 -21.03
CA LEU A 20 -16.99 13.72 -22.09
C LEU A 20 -17.37 14.36 -23.43
N LYS A 21 -18.08 15.49 -23.37
CA LYS A 21 -18.52 16.21 -24.55
C LYS A 21 -17.36 16.59 -25.44
N GLY A 22 -17.48 16.34 -26.73
CA GLY A 22 -16.46 16.81 -27.68
C GLY A 22 -15.17 16.02 -27.59
N LYS A 23 -15.21 14.83 -26.97
CA LYS A 23 -14.04 13.94 -26.92
C LYS A 23 -14.21 12.70 -27.81
N VAL A 24 -13.10 12.21 -28.34
CA VAL A 24 -13.06 10.92 -29.00
C VAL A 24 -12.47 9.88 -28.04
N VAL A 25 -13.26 8.84 -27.70
CA VAL A 25 -12.81 7.82 -26.75
C VAL A 25 -12.63 6.46 -27.44
N LEU A 26 -11.43 5.89 -27.33
CA LEU A 26 -11.09 4.58 -27.92
C LEU A 26 -11.15 3.57 -26.80
N VAL A 27 -11.90 2.50 -26.99
CA VAL A 27 -12.03 1.46 -25.96
C VAL A 27 -11.66 0.12 -26.52
N THR A 28 -10.76 -0.61 -25.84
CA THR A 28 -10.40 -1.93 -26.37
C THR A 28 -11.21 -3.04 -25.70
N ALA A 29 -11.09 -4.27 -26.23
CA ALA A 29 -11.91 -5.41 -25.78
C ALA A 29 -13.39 -5.04 -25.61
N ALA A 30 -13.93 -4.34 -26.61
CA ALA A 30 -15.26 -3.75 -26.45
C ALA A 30 -16.33 -4.42 -27.29
N ALA A 31 -16.05 -5.60 -27.85
CA ALA A 31 -17.10 -6.36 -28.54
C ALA A 31 -17.95 -7.12 -27.55
N GLY A 32 -19.23 -7.36 -27.89
CA GLY A 32 -20.07 -8.27 -27.12
C GLY A 32 -20.50 -7.69 -25.78
N THR A 33 -20.53 -8.54 -24.77
CA THR A 33 -20.84 -8.21 -23.36
C THR A 33 -19.53 -7.92 -22.65
N GLY A 34 -19.58 -7.17 -21.57
CA GLY A 34 -18.34 -7.04 -20.83
C GLY A 34 -17.95 -5.61 -20.64
N ILE A 35 -16.87 -5.41 -19.92
CA ILE A 35 -16.55 -4.06 -19.47
C ILE A 35 -16.29 -3.11 -20.63
N GLY A 36 -15.70 -3.61 -21.72
CA GLY A 36 -15.32 -2.73 -22.83
C GLY A 36 -16.55 -2.10 -23.48
N SER A 37 -17.52 -2.95 -23.83
CA SER A 37 -18.74 -2.48 -24.50
C SER A 37 -19.54 -1.60 -23.52
N THR A 38 -19.58 -2.02 -22.26
CA THR A 38 -20.21 -1.25 -21.21
C THR A 38 -19.55 0.14 -21.05
N THR A 39 -18.21 0.18 -21.13
CA THR A 39 -17.47 1.45 -21.12
C THR A 39 -17.75 2.33 -22.36
N ALA A 40 -17.79 1.71 -23.55
CA ALA A 40 -18.13 2.43 -24.75
C ALA A 40 -19.51 3.06 -24.61
N ARG A 41 -20.49 2.31 -24.09
CA ARG A 41 -21.83 2.86 -23.86
CA ARG A 41 -21.82 2.87 -23.88
C ARG A 41 -21.76 4.08 -22.92
N ARG A 42 -21.00 3.93 -21.83
CA ARG A 42 -20.88 5.07 -20.89
C ARG A 42 -20.26 6.27 -21.62
N ALA A 43 -19.17 6.04 -22.37
CA ALA A 43 -18.59 7.17 -23.14
C ALA A 43 -19.66 7.89 -23.98
N LEU A 44 -20.48 7.13 -24.71
CA LEU A 44 -21.58 7.72 -25.47
C LEU A 44 -22.63 8.46 -24.63
N LEU A 45 -23.03 7.87 -23.50
CA LEU A 45 -23.95 8.56 -22.60
C LEU A 45 -23.41 9.93 -22.13
N GLU A 46 -22.09 10.03 -22.04
CA GLU A 46 -21.41 11.24 -21.57
C GLU A 46 -21.08 12.26 -22.66
N GLY A 47 -21.50 11.97 -23.91
CA GLY A 47 -21.39 12.92 -25.03
C GLY A 47 -20.17 12.73 -25.91
N ALA A 48 -19.44 11.64 -25.73
CA ALA A 48 -18.27 11.38 -26.53
C ALA A 48 -18.67 10.74 -27.85
N ASP A 49 -17.78 10.87 -28.83
CA ASP A 49 -17.76 9.97 -29.98
C ASP A 49 -16.87 8.78 -29.56
N VAL A 50 -17.17 7.57 -30.02
CA VAL A 50 -16.42 6.38 -29.58
C VAL A 50 -15.85 5.57 -30.75
N VAL A 51 -14.66 4.98 -30.58
CA VAL A 51 -14.16 3.93 -31.46
C VAL A 51 -14.01 2.71 -30.58
N ILE A 52 -14.63 1.61 -31.00
CA ILE A 52 -14.50 0.35 -30.26
C ILE A 52 -13.59 -0.60 -31.02
N SER A 53 -12.83 -1.39 -30.27
CA SER A 53 -11.90 -2.31 -30.85
C SER A 53 -12.01 -3.66 -30.15
N ASP A 54 -11.71 -4.72 -30.91
CA ASP A 54 -11.69 -6.12 -30.42
C ASP A 54 -11.11 -7.00 -31.53
N TYR A 55 -10.82 -8.28 -31.23
CA TYR A 55 -10.39 -9.24 -32.25
C TYR A 55 -11.58 -9.81 -33.04
N HIS A 56 -12.75 -9.99 -32.42
CA HIS A 56 -13.91 -10.70 -33.05
C HIS A 56 -14.68 -9.79 -33.98
N GLU A 57 -14.46 -9.93 -35.29
CA GLU A 57 -15.01 -9.00 -36.28
C GLU A 57 -16.56 -8.91 -36.25
N ARG A 58 -17.24 -10.06 -36.26
CA ARG A 58 -18.71 -10.05 -36.32
C ARG A 58 -19.32 -9.45 -35.05
N ARG A 59 -18.90 -9.95 -33.88
CA ARG A 59 -19.33 -9.47 -32.56
C ARG A 59 -19.02 -7.96 -32.38
N LEU A 60 -17.86 -7.51 -32.87
CA LEU A 60 -17.52 -6.07 -32.90
C LEU A 60 -18.53 -5.26 -33.74
N GLY A 61 -18.80 -5.73 -34.96
CA GLY A 61 -19.78 -5.08 -35.83
C GLY A 61 -21.16 -4.98 -35.21
N GLU A 62 -21.59 -6.09 -34.62
CA GLU A 62 -22.87 -6.13 -33.91
C GLU A 62 -22.95 -5.07 -32.81
N THR A 63 -21.94 -5.05 -31.94
CA THR A 63 -21.82 -4.04 -30.92
C THR A 63 -21.82 -2.63 -31.49
N ARG A 64 -21.05 -2.40 -32.56
CA ARG A 64 -21.02 -1.08 -33.19
C ARG A 64 -22.44 -0.64 -33.57
N ASP A 65 -23.20 -1.53 -34.18
CA ASP A 65 -24.55 -1.17 -34.66
C ASP A 65 -25.44 -0.90 -33.46
N GLN A 66 -25.31 -1.68 -32.39
CA GLN A 66 -26.13 -1.45 -31.19
C GLN A 66 -25.85 -0.10 -30.54
N LEU A 67 -24.59 0.25 -30.47
CA LEU A 67 -24.22 1.51 -29.85
C LEU A 67 -24.58 2.67 -30.77
N ALA A 68 -24.53 2.44 -32.09
CA ALA A 68 -24.91 3.49 -33.05
C ALA A 68 -26.41 3.75 -32.96
N ASP A 69 -27.18 2.69 -32.67
CA ASP A 69 -28.63 2.75 -32.56
C ASP A 69 -29.12 3.53 -31.35
N LEU A 70 -28.20 3.96 -30.49
CA LEU A 70 -28.55 4.90 -29.41
C LEU A 70 -28.82 6.32 -29.91
N GLY A 71 -28.37 6.63 -31.13
CA GLY A 71 -28.57 7.96 -31.71
C GLY A 71 -27.85 9.07 -30.95
N LEU A 72 -26.73 8.71 -30.31
CA LEU A 72 -25.92 9.67 -29.57
C LEU A 72 -24.69 10.04 -30.43
N GLY A 73 -23.49 9.85 -29.91
CA GLY A 73 -22.29 10.14 -30.70
C GLY A 73 -21.99 9.12 -31.80
N ARG A 74 -21.04 9.49 -32.66
CA ARG A 74 -20.54 8.62 -33.70
C ARG A 74 -19.88 7.36 -33.12
N VAL A 75 -20.18 6.20 -33.68
CA VAL A 75 -19.50 4.97 -33.27
C VAL A 75 -18.75 4.37 -34.47
N GLU A 76 -17.44 4.19 -34.31
CA GLU A 76 -16.64 3.47 -35.31
C GLU A 76 -16.12 2.18 -34.67
N ALA A 77 -15.84 1.18 -35.50
CA ALA A 77 -15.20 -0.02 -34.98
C ALA A 77 -13.93 -0.32 -35.77
N VAL A 78 -12.86 -0.70 -35.08
CA VAL A 78 -11.63 -1.14 -35.76
C VAL A 78 -11.17 -2.45 -35.16
N VAL A 79 -11.01 -3.49 -36.00
CA VAL A 79 -10.50 -4.80 -35.55
C VAL A 79 -9.05 -4.66 -35.15
N CYS A 80 -8.67 -5.20 -34.00
CA CYS A 80 -7.30 -5.20 -33.59
C CYS A 80 -6.97 -6.38 -32.71
N ASP A 81 -5.90 -7.09 -33.07
CA ASP A 81 -5.38 -8.17 -32.22
C ASP A 81 -4.33 -7.51 -31.35
N VAL A 82 -4.59 -7.40 -30.04
CA VAL A 82 -3.68 -6.63 -29.18
C VAL A 82 -2.34 -7.34 -28.86
N THR A 83 -2.19 -8.61 -29.27
CA THR A 83 -0.86 -9.29 -29.17
C THR A 83 0.05 -8.90 -30.35
N SER A 84 -0.47 -8.07 -31.24
CA SER A 84 0.29 -7.64 -32.44
C SER A 84 0.59 -6.13 -32.40
N THR A 85 1.87 -5.81 -32.30
CA THR A 85 2.32 -4.44 -32.31
C THR A 85 1.88 -3.73 -33.58
N GLU A 86 2.00 -4.40 -34.72
CA GLU A 86 1.57 -3.77 -35.98
C GLU A 86 0.08 -3.42 -35.95
N ALA A 87 -0.75 -4.35 -35.50
CA ALA A 87 -2.19 -4.09 -35.38
C ALA A 87 -2.51 -2.98 -34.36
N VAL A 88 -1.78 -2.95 -33.24
CA VAL A 88 -2.00 -1.90 -32.22
C VAL A 88 -1.62 -0.51 -32.71
N ASP A 89 -0.46 -0.39 -33.35
CA ASP A 89 -0.07 0.83 -34.04
C ASP A 89 -1.13 1.25 -35.04
N ALA A 90 -1.64 0.31 -35.83
CA ALA A 90 -2.66 0.66 -36.82
C ALA A 90 -4.04 0.93 -36.17
N LEU A 91 -4.32 0.34 -35.00
CA LEU A 91 -5.51 0.72 -34.24
C LEU A 91 -5.54 2.26 -34.00
N ILE A 92 -4.43 2.81 -33.48
CA ILE A 92 -4.36 4.25 -33.16
C ILE A 92 -4.49 5.14 -34.42
N THR A 93 -3.71 4.81 -35.46
CA THR A 93 -3.76 5.49 -36.78
C THR A 93 -5.17 5.51 -37.35
N GLN A 94 -5.82 4.36 -37.36
CA GLN A 94 -7.17 4.22 -37.91
CA GLN A 94 -7.16 4.25 -37.94
C GLN A 94 -8.18 5.04 -37.12
N THR A 95 -8.01 5.05 -35.79
CA THR A 95 -8.86 5.86 -34.91
C THR A 95 -8.79 7.34 -35.29
N VAL A 96 -7.57 7.85 -35.40
CA VAL A 96 -7.34 9.25 -35.75
C VAL A 96 -7.86 9.54 -37.17
N GLU A 97 -7.71 8.58 -38.06
CA GLU A 97 -8.20 8.74 -39.43
C GLU A 97 -9.76 8.77 -39.50
N LYS A 98 -10.41 7.77 -38.89
CA LYS A 98 -11.87 7.67 -38.90
C LYS A 98 -12.54 8.72 -38.02
N ALA A 99 -11.96 8.98 -36.84
CA ALA A 99 -12.65 9.89 -35.92
C ALA A 99 -12.16 11.33 -35.90
N GLY A 100 -10.98 11.58 -36.46
CA GLY A 100 -10.39 12.93 -36.53
C GLY A 100 -9.20 13.16 -35.59
N ARG A 101 -9.28 12.55 -34.42
CA ARG A 101 -8.30 12.79 -33.34
C ARG A 101 -8.56 11.71 -32.30
N LEU A 102 -7.72 11.66 -31.27
CA LEU A 102 -7.91 10.75 -30.16
C LEU A 102 -7.80 11.60 -28.92
N ASP A 103 -8.77 11.45 -28.02
CA ASP A 103 -8.67 12.15 -26.74
C ASP A 103 -8.49 11.24 -25.52
N VAL A 104 -9.19 10.11 -25.50
CA VAL A 104 -9.14 9.15 -24.39
C VAL A 104 -8.99 7.72 -24.88
N LEU A 105 -8.04 7.01 -24.30
CA LEU A 105 -7.88 5.58 -24.52
C LEU A 105 -8.20 4.83 -23.25
N VAL A 106 -9.05 3.81 -23.36
CA VAL A 106 -9.34 2.92 -22.25
C VAL A 106 -8.81 1.55 -22.63
N ASN A 107 -7.85 1.11 -21.83
CA ASN A 107 -7.15 -0.14 -22.03
C ASN A 107 -7.81 -1.26 -21.24
N ASN A 108 -8.78 -1.91 -21.87
CA ASN A 108 -9.53 -2.98 -21.18
C ASN A 108 -9.06 -4.40 -21.40
N ALA A 109 -8.41 -4.68 -22.52
CA ALA A 109 -7.97 -6.08 -22.74
C ALA A 109 -7.38 -6.70 -21.45
N GLY A 110 -7.60 -8.00 -21.26
CA GLY A 110 -7.02 -8.82 -20.20
C GLY A 110 -7.34 -10.28 -20.49
N LEU A 111 -6.50 -11.20 -19.98
CA LEU A 111 -6.71 -12.66 -20.05
C LEU A 111 -6.21 -13.37 -18.78
N GLY A 112 -7.08 -14.16 -18.17
CA GLY A 112 -6.72 -14.90 -16.96
C GLY A 112 -6.51 -16.39 -17.16
N GLY A 113 -6.46 -17.10 -16.04
CA GLY A 113 -6.31 -18.53 -15.99
C GLY A 113 -6.43 -19.00 -14.55
N GLN A 114 -6.34 -20.30 -14.37
CA GLN A 114 -6.32 -20.88 -13.06
C GLN A 114 -5.30 -21.99 -13.10
N THR A 115 -4.07 -21.68 -12.69
CA THR A 115 -2.98 -22.66 -12.77
C THR A 115 -1.95 -22.41 -11.68
N PRO A 116 -1.75 -23.42 -10.82
CA PRO A 116 -0.73 -23.35 -9.78
C PRO A 116 0.67 -23.23 -10.45
N VAL A 117 1.56 -22.50 -9.80
CA VAL A 117 2.98 -22.40 -10.27
C VAL A 117 3.62 -23.76 -10.59
N VAL A 118 3.38 -24.77 -9.75
CA VAL A 118 3.99 -26.11 -10.01
C VAL A 118 3.52 -26.71 -11.29
N ASP A 119 2.35 -26.29 -11.77
CA ASP A 119 1.79 -26.83 -13.01
C ASP A 119 1.95 -25.83 -14.15
N MET A 120 2.47 -24.65 -13.85
CA MET A 120 2.49 -23.58 -14.85
C MET A 120 3.31 -23.98 -16.10
N THR A 121 2.75 -23.72 -17.27
CA THR A 121 3.57 -23.84 -18.51
C THR A 121 4.05 -22.44 -18.89
N ASP A 122 5.23 -22.37 -19.51
CA ASP A 122 5.76 -21.12 -20.02
C ASP A 122 4.77 -20.49 -21.00
N GLU A 123 4.11 -21.34 -21.79
CA GLU A 123 3.26 -20.83 -22.85
C GLU A 123 2.08 -20.06 -22.30
N GLU A 124 1.47 -20.58 -21.22
CA GLU A 124 0.29 -19.96 -20.61
C GLU A 124 0.74 -18.70 -19.86
N TRP A 125 1.87 -18.81 -19.19
CA TRP A 125 2.46 -17.69 -18.46
C TRP A 125 2.68 -16.51 -19.41
N ASP A 126 3.37 -16.78 -20.53
CA ASP A 126 3.68 -15.77 -21.52
C ASP A 126 2.43 -15.24 -22.20
N ARG A 127 1.46 -16.13 -22.52
CA ARG A 127 0.17 -15.68 -23.11
C ARG A 127 -0.56 -14.70 -22.19
N VAL A 128 -0.67 -15.05 -20.89
CA VAL A 128 -1.37 -14.20 -19.93
C VAL A 128 -0.66 -12.83 -19.80
N LEU A 129 0.67 -12.83 -19.68
CA LEU A 129 1.41 -11.59 -19.59
CA LEU A 129 1.43 -11.59 -19.59
C LEU A 129 1.29 -10.78 -20.88
N ASN A 130 1.34 -11.45 -22.02
CA ASN A 130 1.22 -10.74 -23.30
C ASN A 130 -0.10 -10.02 -23.47
N VAL A 131 -1.20 -10.68 -23.12
CA VAL A 131 -2.52 -10.10 -23.37
C VAL A 131 -2.85 -9.07 -22.28
N THR A 132 -2.42 -9.35 -21.05
CA THR A 132 -2.88 -8.57 -19.93
C THR A 132 -1.96 -7.39 -19.68
N LEU A 133 -0.67 -7.59 -19.88
CA LEU A 133 0.28 -6.54 -19.56
C LEU A 133 0.89 -5.92 -20.83
N THR A 134 1.42 -6.77 -21.71
CA THR A 134 2.20 -6.22 -22.83
C THR A 134 1.30 -5.41 -23.77
N SER A 135 0.05 -5.84 -23.92
CA SER A 135 -0.94 -5.12 -24.75
C SER A 135 -1.13 -3.68 -24.28
N VAL A 136 -1.13 -3.47 -22.97
CA VAL A 136 -1.29 -2.13 -22.41
C VAL A 136 -0.09 -1.24 -22.74
N MET A 137 1.10 -1.81 -22.69
CA MET A 137 2.30 -1.11 -23.15
C MET A 137 2.24 -0.72 -24.64
N ARG A 138 1.87 -1.68 -25.50
CA ARG A 138 1.71 -1.45 -26.96
C ARG A 138 0.74 -0.31 -27.23
N ALA A 139 -0.44 -0.37 -26.61
CA ALA A 139 -1.50 0.64 -26.80
C ALA A 139 -1.06 2.00 -26.27
N THR A 140 -0.39 1.99 -25.11
CA THR A 140 0.09 3.23 -24.48
C THR A 140 1.20 3.85 -25.31
N ARG A 141 2.10 3.01 -25.84
CA ARG A 141 3.22 3.47 -26.70
C ARG A 141 2.65 4.15 -27.97
N ALA A 142 1.76 3.44 -28.69
CA ALA A 142 1.04 3.99 -29.86
C ALA A 142 0.30 5.29 -29.60
N ALA A 143 -0.42 5.36 -28.48
CA ALA A 143 -1.18 6.56 -28.12
C ALA A 143 -0.26 7.73 -27.77
N LEU A 144 0.80 7.46 -27.01
CA LEU A 144 1.71 8.53 -26.59
C LEU A 144 2.46 9.08 -27.83
N ARG A 145 2.75 8.22 -28.80
CA ARG A 145 3.38 8.70 -30.04
C ARG A 145 2.47 9.70 -30.75
N TYR A 146 1.17 9.40 -30.76
CA TYR A 146 0.20 10.35 -31.32
C TYR A 146 0.14 11.67 -30.54
N PHE A 147 -0.12 11.57 -29.23
CA PHE A 147 -0.17 12.75 -28.35
C PHE A 147 1.09 13.65 -28.37
N ARG A 148 2.27 13.03 -28.45
CA ARG A 148 3.54 13.77 -28.64
C ARG A 148 3.51 14.62 -29.92
N GLY A 149 2.95 14.08 -31.00
CA GLY A 149 2.87 14.77 -32.28
C GLY A 149 1.76 15.81 -32.45
N VAL A 150 1.01 16.09 -31.38
CA VAL A 150 -0.02 17.15 -31.39
C VAL A 150 0.09 18.06 -30.15
N ASP A 151 -0.50 19.25 -30.25
CA ASP A 151 -0.52 20.22 -29.16
C ASP A 151 -1.93 20.24 -28.64
N HIS A 152 -2.39 19.05 -28.24
CA HIS A 152 -3.47 18.88 -27.31
C HIS A 152 -3.08 17.62 -26.50
N GLY A 153 -3.63 17.50 -25.30
CA GLY A 153 -3.34 16.34 -24.48
C GLY A 153 -4.49 15.34 -24.52
N GLY A 154 -4.51 14.47 -23.52
CA GLY A 154 -5.55 13.50 -23.42
C GLY A 154 -5.37 12.68 -22.17
N VAL A 155 -6.01 11.53 -22.15
CA VAL A 155 -6.09 10.75 -20.93
C VAL A 155 -6.09 9.32 -21.34
N ILE A 156 -5.39 8.48 -20.57
CA ILE A 156 -5.42 7.04 -20.71
C ILE A 156 -6.00 6.47 -19.41
N VAL A 157 -6.84 5.45 -19.47
CA VAL A 157 -7.31 4.74 -18.29
C VAL A 157 -7.05 3.24 -18.46
N ASN A 158 -6.24 2.66 -17.62
CA ASN A 158 -6.04 1.26 -17.59
C ASN A 158 -6.99 0.53 -16.63
N ASN A 159 -7.11 -0.75 -16.80
CA ASN A 159 -7.98 -1.45 -15.93
C ASN A 159 -7.16 -2.56 -15.36
N ALA A 160 -6.91 -2.47 -14.09
CA ALA A 160 -6.06 -3.40 -13.45
C ALA A 160 -6.97 -4.47 -12.82
N SER A 161 -6.75 -4.82 -11.58
CA SER A 161 -7.58 -5.75 -10.85
C SER A 161 -7.07 -5.81 -9.41
N VAL A 162 -7.92 -6.14 -8.47
CA VAL A 162 -7.52 -6.34 -7.09
C VAL A 162 -6.43 -7.44 -7.01
N LEU A 163 -6.41 -8.33 -7.99
CA LEU A 163 -5.41 -9.38 -8.05
CA LEU A 163 -5.41 -9.45 -8.06
C LEU A 163 -3.96 -8.88 -8.10
N GLY A 164 -3.79 -7.65 -8.55
CA GLY A 164 -2.45 -7.01 -8.45
C GLY A 164 -1.95 -7.01 -7.00
N TRP A 165 -2.87 -6.91 -6.05
CA TRP A 165 -2.51 -6.86 -4.65
C TRP A 165 -2.75 -8.15 -3.86
N ARG A 166 -3.71 -8.96 -4.32
CA ARG A 166 -4.22 -10.11 -3.55
C ARG A 166 -3.34 -11.35 -3.65
N ALA A 167 -3.15 -12.07 -2.53
CA ALA A 167 -2.45 -13.35 -2.53
C ALA A 167 -3.47 -14.42 -2.87
N GLN A 168 -3.39 -15.00 -4.06
CA GLN A 168 -4.47 -15.89 -4.49
C GLN A 168 -3.90 -17.12 -5.15
N HIS A 169 -4.23 -18.28 -4.60
CA HIS A 169 -3.81 -19.58 -5.18
C HIS A 169 -4.20 -19.68 -6.66
N SER A 170 -3.28 -20.09 -7.52
CA SER A 170 -3.56 -20.42 -8.93
C SER A 170 -3.72 -19.23 -9.88
N GLN A 171 -3.40 -18.03 -9.40
CA GLN A 171 -3.54 -16.85 -10.27
C GLN A 171 -2.25 -16.08 -10.37
N SER A 172 -1.10 -16.72 -10.16
CA SER A 172 0.17 -16.00 -10.13
C SER A 172 0.47 -15.27 -11.47
N HIS A 173 0.10 -15.86 -12.61
CA HIS A 173 0.33 -15.19 -13.89
C HIS A 173 -0.52 -13.94 -14.05
N TYR A 174 -1.81 -14.07 -13.75
CA TYR A 174 -2.73 -12.93 -13.89
C TYR A 174 -2.41 -11.81 -12.90
N ALA A 175 -2.19 -12.21 -11.65
CA ALA A 175 -1.72 -11.30 -10.61
C ALA A 175 -0.40 -10.56 -10.98
N ALA A 176 0.65 -11.28 -11.41
CA ALA A 176 1.88 -10.61 -11.86
C ALA A 176 1.56 -9.61 -12.96
N ALA A 177 0.76 -10.04 -13.95
CA ALA A 177 0.41 -9.15 -15.05
C ALA A 177 -0.30 -7.87 -14.57
N LYS A 178 -1.26 -8.01 -13.65
CA LYS A 178 -2.09 -6.88 -13.22
C LYS A 178 -1.29 -5.97 -12.29
N ALA A 179 -0.46 -6.55 -11.41
CA ALA A 179 0.53 -5.74 -10.68
C ALA A 179 1.44 -4.97 -11.63
N GLY A 180 1.85 -5.63 -12.69
CA GLY A 180 2.67 -4.94 -13.72
C GLY A 180 1.94 -3.80 -14.39
N VAL A 181 0.65 -4.00 -14.69
CA VAL A 181 -0.16 -2.91 -15.26
C VAL A 181 -0.17 -1.70 -14.31
N MET A 182 -0.28 -1.96 -13.01
CA MET A 182 -0.28 -0.85 -12.06
C MET A 182 1.04 -0.06 -12.08
N ALA A 183 2.17 -0.79 -12.07
CA ALA A 183 3.48 -0.13 -12.18
C ALA A 183 3.67 0.60 -13.50
N LEU A 184 3.25 -0.02 -14.61
CA LEU A 184 3.31 0.62 -15.90
C LEU A 184 2.46 1.93 -15.92
N THR A 185 1.31 1.88 -15.27
CA THR A 185 0.42 3.05 -15.16
C THR A 185 1.20 4.21 -14.46
N ARG A 186 1.83 3.90 -13.32
CA ARG A 186 2.62 4.89 -12.57
C ARG A 186 3.80 5.49 -13.39
N CYS A 187 4.57 4.63 -14.04
CA CYS A 187 5.78 5.11 -14.74
C CYS A 187 5.43 5.82 -16.04
N SER A 188 4.51 5.24 -16.83
CA SER A 188 4.01 5.92 -18.05
C SER A 188 3.35 7.26 -17.71
N ALA A 189 2.66 7.33 -16.56
CA ALA A 189 2.06 8.63 -16.10
C ALA A 189 3.12 9.73 -15.97
N ILE A 190 4.28 9.37 -15.43
CA ILE A 190 5.36 10.34 -15.27
C ILE A 190 5.88 10.84 -16.58
N GLU A 191 6.09 9.93 -17.52
CA GLU A 191 6.60 10.29 -18.85
C GLU A 191 5.59 11.10 -19.67
N ALA A 192 4.32 10.71 -19.53
CA ALA A 192 3.20 11.31 -20.29
C ALA A 192 2.90 12.78 -19.96
N VAL A 193 3.34 13.24 -18.80
CA VAL A 193 3.14 14.64 -18.40
C VAL A 193 3.58 15.57 -19.54
N GLU A 194 4.79 15.29 -20.05
CA GLU A 194 5.37 15.94 -21.23
C GLU A 194 4.41 16.19 -22.41
N PHE A 195 3.59 15.18 -22.73
CA PHE A 195 2.69 15.23 -23.90
C PHE A 195 1.27 15.72 -23.60
N GLY A 196 1.08 16.22 -22.39
CA GLY A 196 -0.21 16.74 -22.00
C GLY A 196 -1.16 15.59 -21.63
N VAL A 197 -0.61 14.41 -21.28
CA VAL A 197 -1.45 13.21 -21.03
C VAL A 197 -1.45 12.75 -19.56
N ARG A 198 -2.64 12.46 -19.02
CA ARG A 198 -2.77 11.83 -17.69
C ARG A 198 -3.07 10.32 -17.86
N ILE A 199 -2.52 9.49 -17.00
CA ILE A 199 -2.72 8.04 -17.10
C ILE A 199 -3.00 7.48 -15.69
N ASN A 200 -4.15 6.85 -15.53
CA ASN A 200 -4.54 6.34 -14.25
C ASN A 200 -5.16 4.97 -14.52
N ALA A 201 -5.50 4.24 -13.47
CA ALA A 201 -6.16 2.94 -13.68
C ALA A 201 -7.28 2.78 -12.70
N VAL A 202 -8.29 2.02 -13.13
CA VAL A 202 -9.28 1.47 -12.21
C VAL A 202 -8.83 0.08 -11.79
N SER A 203 -9.16 -0.31 -10.58
CA SER A 203 -8.86 -1.67 -10.09
C SER A 203 -10.11 -2.36 -9.50
N PRO A 204 -10.79 -3.17 -10.35
CA PRO A 204 -12.04 -3.82 -9.94
C PRO A 204 -11.77 -4.92 -8.94
N SER A 205 -12.60 -4.97 -7.91
CA SER A 205 -12.55 -6.05 -6.93
C SER A 205 -13.22 -7.26 -7.56
N ILE A 206 -13.10 -8.40 -6.89
CA ILE A 206 -13.76 -9.63 -7.28
C ILE A 206 -13.91 -10.41 -5.97
N ALA A 207 -15.03 -11.13 -5.81
CA ALA A 207 -15.27 -11.96 -4.62
C ALA A 207 -14.16 -13.01 -4.46
N ARG A 208 -13.61 -13.13 -3.25
CA ARG A 208 -12.71 -14.23 -2.89
C ARG A 208 -13.55 -15.50 -2.66
N HIS A 209 -14.62 -15.34 -1.88
CA HIS A 209 -15.66 -16.33 -1.72
C HIS A 209 -16.99 -15.60 -1.78
N ASP A 227 -18.05 -12.16 0.32
CA ASP A 227 -16.76 -11.49 0.44
C ASP A 227 -16.86 -9.95 0.37
N GLU A 228 -17.62 -9.40 -0.57
CA GLU A 228 -17.58 -7.95 -0.79
C GLU A 228 -18.41 -7.10 0.20
N ALA A 229 -17.95 -5.88 0.48
CA ALA A 229 -18.59 -5.02 1.47
C ALA A 229 -20.11 -4.91 1.31
N PHE A 230 -20.58 -4.79 0.07
CA PHE A 230 -22.03 -4.61 -0.19
C PHE A 230 -22.86 -5.90 -0.19
N GLY A 231 -22.22 -7.06 -0.16
CA GLY A 231 -22.95 -8.34 -0.28
C GLY A 231 -23.40 -8.62 -1.72
N ARG A 232 -22.82 -7.91 -2.69
CA ARG A 232 -23.10 -8.08 -4.11
C ARG A 232 -21.83 -7.70 -4.90
N ALA A 233 -21.67 -8.29 -6.09
CA ALA A 233 -20.65 -7.86 -7.03
C ALA A 233 -21.05 -6.49 -7.66
N ALA A 234 -20.06 -5.79 -8.22
CA ALA A 234 -20.31 -4.56 -8.96
C ALA A 234 -21.11 -4.90 -10.20
N GLU A 235 -22.10 -4.08 -10.56
CA GLU A 235 -22.61 -4.10 -11.95
C GLU A 235 -21.51 -3.55 -12.86
N PRO A 236 -21.33 -4.11 -14.08
CA PRO A 236 -20.34 -3.49 -15.00
C PRO A 236 -20.44 -1.97 -15.11
N TRP A 237 -21.65 -1.41 -15.13
CA TRP A 237 -21.81 0.05 -15.30
C TRP A 237 -21.10 0.85 -14.23
N GLU A 238 -21.04 0.30 -13.03
CA GLU A 238 -20.44 0.96 -11.89
C GLU A 238 -18.94 1.07 -12.07
N VAL A 239 -18.32 0.02 -12.62
CA VAL A 239 -16.90 0.08 -12.97
C VAL A 239 -16.68 1.11 -14.12
N ALA A 240 -17.52 1.07 -15.17
CA ALA A 240 -17.47 2.06 -16.26
C ALA A 240 -17.67 3.52 -15.78
N ALA A 241 -18.57 3.75 -14.83
CA ALA A 241 -18.81 5.07 -14.26
C ALA A 241 -17.50 5.61 -13.62
N THR A 242 -16.73 4.76 -12.94
CA THR A 242 -15.41 5.20 -12.37
C THR A 242 -14.38 5.47 -13.47
N ILE A 243 -14.40 4.65 -14.52
CA ILE A 243 -13.52 4.87 -15.68
C ILE A 243 -13.85 6.25 -16.28
N ALA A 244 -15.16 6.53 -16.45
CA ALA A 244 -15.57 7.86 -16.92
C ALA A 244 -15.02 8.97 -16.04
N PHE A 245 -15.10 8.81 -14.71
CA PHE A 245 -14.48 9.83 -13.83
C PHE A 245 -12.97 10.06 -14.11
N LEU A 246 -12.21 8.97 -14.24
CA LEU A 246 -10.79 9.00 -14.58
C LEU A 246 -10.49 9.59 -15.94
N ALA A 247 -11.43 9.43 -16.87
CA ALA A 247 -11.31 10.06 -18.19
C ALA A 247 -11.70 11.55 -18.21
N SER A 248 -12.54 11.95 -17.26
CA SER A 248 -13.10 13.32 -17.16
C SER A 248 -12.21 14.33 -16.44
N ASP A 249 -12.60 15.60 -16.53
CA ASP A 249 -11.85 16.69 -15.88
C ASP A 249 -12.13 16.73 -14.39
N TYR A 250 -13.08 15.94 -13.91
CA TYR A 250 -13.23 15.76 -12.44
C TYR A 250 -11.99 15.12 -11.76
N SER A 251 -11.24 14.36 -12.53
CA SER A 251 -9.96 13.79 -12.04
C SER A 251 -8.74 14.63 -12.51
N SER A 252 -9.00 15.90 -12.87
CA SER A 252 -7.99 16.84 -13.37
C SER A 252 -6.57 16.75 -12.81
N TYR A 253 -6.46 16.60 -11.49
CA TYR A 253 -5.12 16.56 -10.87
C TYR A 253 -4.48 15.16 -10.73
N MET A 254 -5.26 14.10 -10.95
CA MET A 254 -4.75 12.75 -10.76
C MET A 254 -3.99 12.23 -11.98
N THR A 255 -2.78 11.72 -11.75
CA THR A 255 -2.08 10.90 -12.74
C THR A 255 -1.26 9.82 -12.02
N GLY A 256 -1.09 8.64 -12.65
CA GLY A 256 -0.38 7.56 -12.02
C GLY A 256 -1.08 6.97 -10.79
N GLU A 257 -2.40 7.12 -10.72
CA GLU A 257 -3.17 6.59 -9.58
C GLU A 257 -3.88 5.31 -9.96
N VAL A 258 -4.20 4.50 -8.94
CA VAL A 258 -4.94 3.23 -9.12
C VAL A 258 -6.13 3.29 -8.19
N VAL A 259 -7.34 3.31 -8.76
CA VAL A 259 -8.53 3.50 -7.93
C VAL A 259 -9.26 2.17 -7.71
N SER A 260 -9.32 1.72 -6.46
CA SER A 260 -9.96 0.43 -6.11
C SER A 260 -11.49 0.49 -6.18
N VAL A 261 -12.10 -0.39 -6.97
CA VAL A 261 -13.56 -0.44 -7.10
C VAL A 261 -14.04 -1.90 -6.90
N SER A 262 -14.21 -2.36 -5.66
CA SER A 262 -13.92 -1.63 -4.43
C SER A 262 -13.42 -2.67 -3.41
N SER A 263 -12.15 -2.64 -3.03
CA SER A 263 -11.64 -3.64 -2.10
CA SER A 263 -11.60 -3.63 -2.11
C SER A 263 -11.12 -3.01 -0.80
N GLN A 264 -11.47 -1.74 -0.59
CA GLN A 264 -10.99 -0.99 0.60
C GLN A 264 -9.46 -0.98 0.70
N ARG A 265 -8.81 -0.64 -0.42
CA ARG A 265 -7.37 -0.64 -0.52
C ARG A 265 -6.76 0.38 0.44
N ALA A 266 -5.88 -0.07 1.34
CA ALA A 266 -5.17 0.80 2.27
C ALA A 266 -3.76 1.19 1.81
N ASN B 6 26.74 6.60 13.96
CA ASN B 6 26.57 7.50 12.79
C ASN B 6 26.05 6.80 11.53
N LEU B 7 24.75 6.93 11.29
CA LEU B 7 24.01 6.18 10.24
C LEU B 7 24.39 6.55 8.82
N SER B 8 24.96 7.74 8.62
CA SER B 8 25.39 8.18 7.31
C SER B 8 26.70 7.56 6.86
N GLU B 9 27.45 6.92 7.77
CA GLU B 9 28.71 6.23 7.44
C GLU B 9 28.44 4.79 7.09
N ALA B 10 29.09 4.29 6.04
CA ALA B 10 28.93 2.90 5.60
C ALA B 10 29.32 1.93 6.72
N PRO B 11 28.34 1.11 7.19
CA PRO B 11 28.63 0.23 8.33
C PRO B 11 29.39 -1.03 7.93
N LYS B 12 30.15 -1.57 8.88
CA LYS B 12 30.93 -2.77 8.69
C LYS B 12 30.02 -4.00 8.68
N GLU B 13 30.28 -4.92 7.74
CA GLU B 13 29.49 -6.17 7.66
C GLU B 13 29.57 -6.97 8.94
N ILE B 14 28.42 -7.39 9.47
CA ILE B 14 28.39 -8.14 10.73
C ILE B 14 28.84 -9.59 10.60
N ASP B 15 29.24 -10.18 11.72
CA ASP B 15 29.60 -11.57 11.80
C ASP B 15 28.38 -12.43 11.52
N GLY B 16 28.59 -13.73 11.23
CA GLY B 16 27.52 -14.71 11.21
C GLY B 16 27.03 -15.05 12.61
N HIS B 17 25.80 -15.56 12.71
CA HIS B 17 25.22 -15.92 14.01
C HIS B 17 24.50 -17.25 13.91
N GLY B 18 24.89 -18.06 12.94
CA GLY B 18 24.42 -19.43 12.87
C GLY B 18 22.99 -19.57 12.41
N LEU B 19 22.48 -18.53 11.74
CA LEU B 19 21.05 -18.50 11.33
C LEU B 19 20.63 -19.59 10.35
N LEU B 20 21.61 -20.17 9.64
CA LEU B 20 21.34 -21.10 8.51
C LEU B 20 22.20 -22.38 8.57
N LYS B 21 22.52 -22.78 9.80
CA LYS B 21 23.54 -23.80 10.00
C LYS B 21 23.04 -25.12 9.41
N GLY B 22 23.83 -25.70 8.51
CA GLY B 22 23.45 -26.92 7.84
C GLY B 22 22.44 -26.79 6.70
N LYS B 23 21.99 -25.57 6.40
CA LYS B 23 20.99 -25.42 5.32
C LYS B 23 21.74 -25.32 4.01
N VAL B 24 21.17 -25.85 2.94
CA VAL B 24 21.72 -25.68 1.62
C VAL B 24 21.01 -24.50 0.95
N VAL B 25 21.78 -23.47 0.61
CA VAL B 25 21.23 -22.24 0.06
C VAL B 25 21.70 -22.10 -1.39
N LEU B 26 20.77 -21.97 -2.33
CA LEU B 26 21.08 -21.75 -3.76
C LEU B 26 20.82 -20.29 -4.09
N VAL B 27 21.80 -19.59 -4.67
CA VAL B 27 21.62 -18.18 -4.99
C VAL B 27 21.89 -17.96 -6.48
N THR B 28 20.96 -17.29 -7.17
CA THR B 28 21.16 -16.96 -8.58
C THR B 28 21.83 -15.59 -8.82
N ALA B 29 22.23 -15.31 -10.07
CA ALA B 29 22.95 -14.11 -10.44
C ALA B 29 24.12 -13.81 -9.48
N ALA B 30 24.92 -14.84 -9.17
CA ALA B 30 25.90 -14.74 -8.07
C ALA B 30 27.36 -14.64 -8.53
N ALA B 31 27.57 -14.41 -9.83
CA ALA B 31 28.92 -14.21 -10.35
C ALA B 31 29.37 -12.77 -10.09
N GLY B 32 30.61 -12.60 -9.64
CA GLY B 32 31.19 -11.27 -9.42
C GLY B 32 30.55 -10.45 -8.30
N THR B 33 30.96 -9.20 -8.14
CA THR B 33 30.41 -8.37 -7.08
C THR B 33 28.96 -8.07 -7.41
N GLY B 34 28.15 -7.94 -6.37
CA GLY B 34 26.71 -7.75 -6.53
C GLY B 34 25.97 -8.40 -5.37
N ILE B 35 24.67 -8.19 -5.32
CA ILE B 35 23.86 -8.76 -4.24
C ILE B 35 23.91 -10.29 -4.17
N GLY B 36 24.03 -10.92 -5.34
CA GLY B 36 24.05 -12.37 -5.41
C GLY B 36 25.25 -12.97 -4.69
N SER B 37 26.45 -12.60 -5.12
CA SER B 37 27.64 -13.07 -4.41
C SER B 37 27.69 -12.63 -2.94
N THR B 38 27.19 -11.44 -2.65
CA THR B 38 27.18 -10.92 -1.28
C THR B 38 26.22 -11.75 -0.42
N THR B 39 25.08 -12.14 -1.01
CA THR B 39 24.15 -13.10 -0.36
C THR B 39 24.73 -14.50 -0.17
N ALA B 40 25.44 -15.03 -1.16
CA ALA B 40 26.16 -16.33 -0.99
C ALA B 40 27.13 -16.28 0.20
N ARG B 41 27.87 -15.18 0.31
CA ARG B 41 28.82 -15.02 1.39
C ARG B 41 28.11 -15.00 2.74
N ARG B 42 27.04 -14.19 2.82
CA ARG B 42 26.19 -14.17 4.04
C ARG B 42 25.67 -15.55 4.43
N ALA B 43 25.15 -16.30 3.46
CA ALA B 43 24.71 -17.65 3.75
C ALA B 43 25.85 -18.50 4.33
N LEU B 44 27.04 -18.40 3.76
CA LEU B 44 28.22 -19.12 4.30
C LEU B 44 28.57 -18.67 5.72
N LEU B 45 28.52 -17.35 5.96
CA LEU B 45 28.76 -16.76 7.28
C LEU B 45 27.81 -17.31 8.35
N GLU B 46 26.57 -17.63 7.92
CA GLU B 46 25.51 -18.14 8.79
C GLU B 46 25.51 -19.68 8.92
N GLY B 47 26.53 -20.33 8.36
CA GLY B 47 26.73 -21.78 8.54
C GLY B 47 26.15 -22.69 7.48
N ALA B 48 25.72 -22.09 6.37
CA ALA B 48 25.10 -22.85 5.29
C ALA B 48 26.11 -23.45 4.33
N ASP B 49 25.68 -24.50 3.63
CA ASP B 49 26.33 -24.94 2.41
C ASP B 49 25.73 -24.15 1.25
N VAL B 50 26.52 -23.76 0.25
CA VAL B 50 25.99 -22.87 -0.77
C VAL B 50 26.23 -23.39 -2.17
N VAL B 51 25.24 -23.13 -3.02
CA VAL B 51 25.37 -23.37 -4.45
C VAL B 51 25.14 -22.03 -5.11
N ILE B 52 26.11 -21.56 -5.91
CA ILE B 52 25.94 -20.29 -6.64
C ILE B 52 25.71 -20.55 -8.10
N SER B 53 24.99 -19.66 -8.74
CA SER B 53 24.64 -19.83 -10.14
C SER B 53 24.67 -18.50 -10.87
N ASP B 54 24.98 -18.60 -12.16
CA ASP B 54 25.07 -17.46 -13.06
C ASP B 54 25.18 -17.99 -14.48
N TYR B 55 24.92 -17.11 -15.43
CA TYR B 55 25.12 -17.36 -16.84
C TYR B 55 26.60 -17.21 -17.20
N HIS B 56 27.32 -16.40 -16.42
CA HIS B 56 28.69 -15.99 -16.78
C HIS B 56 29.71 -16.93 -16.15
N GLU B 57 30.24 -17.86 -16.94
CA GLU B 57 30.97 -19.02 -16.39
C GLU B 57 32.30 -18.66 -15.74
N ARG B 58 33.11 -17.86 -16.43
CA ARG B 58 34.42 -17.48 -15.87
C ARG B 58 34.28 -16.76 -14.52
N ARG B 59 33.45 -15.73 -14.45
CA ARG B 59 33.34 -14.97 -13.20
C ARG B 59 32.62 -15.78 -12.11
N LEU B 60 31.71 -16.65 -12.52
CA LEU B 60 31.07 -17.59 -11.58
C LEU B 60 32.14 -18.47 -10.91
N GLY B 61 33.06 -19.01 -11.73
CA GLY B 61 34.16 -19.84 -11.22
C GLY B 61 35.05 -19.06 -10.26
N GLU B 62 35.40 -17.83 -10.62
CA GLU B 62 36.23 -16.99 -9.73
C GLU B 62 35.53 -16.68 -8.40
N THR B 63 34.26 -16.33 -8.49
CA THR B 63 33.39 -16.17 -7.31
C THR B 63 33.34 -17.43 -6.43
N ARG B 64 33.17 -18.60 -7.03
CA ARG B 64 33.20 -19.84 -6.26
C ARG B 64 34.52 -20.03 -5.47
N ASP B 65 35.64 -19.76 -6.14
CA ASP B 65 36.96 -19.87 -5.53
C ASP B 65 37.15 -18.87 -4.40
N GLN B 66 36.70 -17.64 -4.59
CA GLN B 66 36.77 -16.60 -3.57
C GLN B 66 35.93 -16.96 -2.32
N LEU B 67 34.75 -17.49 -2.54
CA LEU B 67 33.92 -18.00 -1.46
C LEU B 67 34.53 -19.20 -0.75
N ALA B 68 35.11 -20.13 -1.49
CA ALA B 68 35.73 -21.31 -0.94
C ALA B 68 36.90 -20.95 -0.04
N ASP B 69 37.63 -19.93 -0.40
CA ASP B 69 38.80 -19.47 0.32
C ASP B 69 38.47 -19.05 1.72
N LEU B 70 37.26 -18.57 1.93
CA LEU B 70 36.84 -18.15 3.25
C LEU B 70 36.89 -19.30 4.23
N GLY B 71 36.92 -20.52 3.74
CA GLY B 71 36.96 -21.69 4.58
C GLY B 71 35.78 -21.88 5.50
N LEU B 72 34.60 -21.68 4.97
CA LEU B 72 33.38 -21.93 5.64
C LEU B 72 32.86 -23.22 5.04
N GLY B 73 31.59 -23.34 4.77
CA GLY B 73 31.05 -24.59 4.30
C GLY B 73 31.26 -24.85 2.83
N ARG B 74 30.56 -25.86 2.32
CA ARG B 74 30.61 -26.25 0.93
C ARG B 74 30.21 -25.09 0.02
N VAL B 75 30.95 -24.94 -1.07
CA VAL B 75 30.61 -23.99 -2.13
C VAL B 75 30.63 -24.74 -3.47
N GLU B 76 29.49 -24.74 -4.15
CA GLU B 76 29.40 -25.29 -5.51
C GLU B 76 28.94 -24.19 -6.46
N ALA B 77 29.30 -24.34 -7.72
CA ALA B 77 28.85 -23.46 -8.77
C ALA B 77 28.17 -24.28 -9.86
N VAL B 78 27.01 -23.80 -10.31
CA VAL B 78 26.30 -24.39 -11.43
C VAL B 78 25.95 -23.28 -12.42
N VAL B 79 26.41 -23.42 -13.65
CA VAL B 79 26.06 -22.53 -14.74
C VAL B 79 24.56 -22.60 -15.05
N CYS B 80 23.89 -21.46 -15.12
CA CYS B 80 22.46 -21.48 -15.48
C CYS B 80 22.02 -20.20 -16.13
N ASP B 81 21.54 -20.31 -17.38
CA ASP B 81 20.86 -19.21 -18.08
C ASP B 81 19.39 -19.24 -17.66
N VAL B 82 18.98 -18.27 -16.85
CA VAL B 82 17.63 -18.27 -16.30
C VAL B 82 16.53 -17.95 -17.34
N THR B 83 16.91 -17.63 -18.58
CA THR B 83 15.87 -17.49 -19.61
C THR B 83 15.49 -18.87 -20.18
N SER B 84 16.25 -19.90 -19.82
CA SER B 84 16.01 -21.27 -20.30
C SER B 84 15.35 -22.18 -19.22
N THR B 85 14.11 -22.58 -19.46
CA THR B 85 13.44 -23.55 -18.59
C THR B 85 14.26 -24.82 -18.32
N GLU B 86 14.81 -25.42 -19.39
CA GLU B 86 15.60 -26.63 -19.22
C GLU B 86 16.82 -26.36 -18.33
N ALA B 87 17.46 -25.20 -18.49
CA ALA B 87 18.61 -24.91 -17.63
C ALA B 87 18.24 -24.65 -16.16
N VAL B 88 17.07 -24.03 -15.93
CA VAL B 88 16.60 -23.76 -14.56
C VAL B 88 16.19 -25.06 -13.89
N ASP B 89 15.57 -25.97 -14.65
CA ASP B 89 15.25 -27.31 -14.12
C ASP B 89 16.53 -28.07 -13.80
N ALA B 90 17.53 -28.00 -14.68
CA ALA B 90 18.83 -28.63 -14.42
C ALA B 90 19.58 -27.98 -13.24
N LEU B 91 19.33 -26.70 -12.98
CA LEU B 91 19.94 -26.03 -11.84
C LEU B 91 19.50 -26.69 -10.52
N ILE B 92 18.18 -26.87 -10.35
CA ILE B 92 17.66 -27.53 -9.16
C ILE B 92 18.17 -28.95 -9.02
N THR B 93 18.10 -29.72 -10.10
CA THR B 93 18.62 -31.09 -10.09
C THR B 93 20.11 -31.20 -9.75
N GLN B 94 20.95 -30.36 -10.36
CA GLN B 94 22.37 -30.41 -10.03
C GLN B 94 22.65 -29.94 -8.59
N THR B 95 21.82 -29.03 -8.08
CA THR B 95 22.00 -28.51 -6.71
C THR B 95 21.83 -29.63 -5.70
N VAL B 96 20.74 -30.36 -5.86
CA VAL B 96 20.45 -31.55 -5.05
C VAL B 96 21.49 -32.65 -5.26
N GLU B 97 21.94 -32.87 -6.49
CA GLU B 97 23.02 -33.84 -6.76
C GLU B 97 24.31 -33.49 -6.00
N LYS B 98 24.81 -32.27 -6.21
CA LYS B 98 26.05 -31.81 -5.60
C LYS B 98 25.97 -31.59 -4.09
N ALA B 99 24.85 -31.04 -3.59
CA ALA B 99 24.79 -30.69 -2.17
C ALA B 99 23.88 -31.59 -1.31
N GLY B 100 23.25 -32.60 -1.92
CA GLY B 100 22.39 -33.58 -1.20
C GLY B 100 20.92 -33.19 -1.00
N ARG B 101 20.63 -31.87 -1.06
CA ARG B 101 19.27 -31.35 -0.88
C ARG B 101 19.25 -29.88 -1.20
N LEU B 102 18.03 -29.30 -1.16
CA LEU B 102 17.86 -27.84 -1.23
C LEU B 102 17.00 -27.38 -0.05
N ASP B 103 17.41 -26.33 0.64
CA ASP B 103 16.61 -25.77 1.73
C ASP B 103 16.11 -24.34 1.45
N VAL B 104 16.96 -23.55 0.80
CA VAL B 104 16.66 -22.16 0.53
C VAL B 104 17.07 -21.78 -0.87
N LEU B 105 16.14 -21.14 -1.58
CA LEU B 105 16.38 -20.54 -2.89
C LEU B 105 16.27 -19.01 -2.78
N VAL B 106 17.33 -18.32 -3.19
CA VAL B 106 17.31 -16.85 -3.29
C VAL B 106 17.31 -16.50 -4.78
N ASN B 107 16.20 -15.93 -5.25
CA ASN B 107 16.05 -15.55 -6.62
C ASN B 107 16.47 -14.11 -6.81
N ASN B 108 17.71 -13.94 -7.24
CA ASN B 108 18.25 -12.62 -7.53
C ASN B 108 18.16 -12.26 -8.99
N ALA B 109 18.41 -13.19 -9.90
CA ALA B 109 18.54 -12.77 -11.31
C ALA B 109 17.52 -11.66 -11.70
N GLY B 110 17.98 -10.61 -12.39
CA GLY B 110 17.14 -9.50 -12.87
C GLY B 110 17.88 -8.60 -13.86
N LEU B 111 17.15 -7.93 -14.76
CA LEU B 111 17.75 -7.04 -15.76
C LEU B 111 17.08 -5.65 -15.79
N GLY B 112 17.86 -4.61 -15.48
CA GLY B 112 17.40 -3.22 -15.56
C GLY B 112 17.39 -2.65 -16.97
N GLY B 113 17.16 -1.34 -17.07
CA GLY B 113 17.26 -0.60 -18.34
C GLY B 113 16.75 0.82 -18.20
N GLN B 114 16.83 1.62 -19.26
CA GLN B 114 16.35 3.01 -19.22
C GLN B 114 15.78 3.46 -20.57
N THR B 115 14.46 3.35 -20.69
CA THR B 115 13.76 3.53 -21.96
C THR B 115 12.33 4.04 -21.70
N PRO B 116 11.99 5.22 -22.24
CA PRO B 116 10.62 5.69 -22.11
C PRO B 116 9.69 4.81 -22.93
N VAL B 117 8.44 4.75 -22.50
CA VAL B 117 7.40 3.97 -23.20
C VAL B 117 7.33 4.30 -24.71
N VAL B 118 7.43 5.58 -25.07
CA VAL B 118 7.36 6.02 -26.47
C VAL B 118 8.45 5.42 -27.37
N ASP B 119 9.60 5.09 -26.79
CA ASP B 119 10.76 4.56 -27.50
C ASP B 119 10.93 3.05 -27.26
N MET B 120 10.05 2.48 -26.44
CA MET B 120 10.20 1.10 -26.05
C MET B 120 10.14 0.19 -27.25
N THR B 121 11.11 -0.72 -27.36
CA THR B 121 11.00 -1.81 -28.33
C THR B 121 10.39 -3.03 -27.66
N ASP B 122 9.68 -3.84 -28.45
CA ASP B 122 9.17 -5.12 -27.96
C ASP B 122 10.32 -6.03 -27.50
N GLU B 123 11.45 -6.00 -28.20
CA GLU B 123 12.58 -6.86 -27.84
C GLU B 123 13.14 -6.55 -26.45
N GLU B 124 13.28 -5.28 -26.10
CA GLU B 124 13.76 -4.96 -24.75
C GLU B 124 12.70 -5.27 -23.69
N TRP B 125 11.45 -4.85 -23.94
CA TRP B 125 10.35 -5.06 -22.99
C TRP B 125 10.29 -6.55 -22.64
N ASP B 126 10.30 -7.40 -23.67
CA ASP B 126 10.17 -8.84 -23.48
C ASP B 126 11.39 -9.40 -22.78
N ARG B 127 12.56 -8.83 -23.06
CA ARG B 127 13.80 -9.34 -22.44
C ARG B 127 13.82 -9.07 -20.92
N VAL B 128 13.47 -7.83 -20.57
CA VAL B 128 13.39 -7.42 -19.18
C VAL B 128 12.36 -8.31 -18.41
N LEU B 129 11.16 -8.49 -18.93
CA LEU B 129 10.21 -9.39 -18.27
C LEU B 129 10.77 -10.81 -18.12
N ASN B 130 11.44 -11.29 -19.14
CA ASN B 130 11.88 -12.69 -19.19
C ASN B 130 12.94 -12.94 -18.13
N VAL B 131 13.86 -11.98 -17.99
CA VAL B 131 15.02 -12.13 -17.12
C VAL B 131 14.64 -11.80 -15.67
N THR B 132 13.77 -10.80 -15.52
CA THR B 132 13.45 -10.24 -14.21
C THR B 132 12.26 -10.92 -13.54
N LEU B 133 11.25 -11.31 -14.34
CA LEU B 133 10.01 -11.84 -13.80
C LEU B 133 9.86 -13.34 -14.17
N THR B 134 9.93 -13.68 -15.45
CA THR B 134 9.70 -15.06 -15.85
C THR B 134 10.71 -16.01 -15.20
N SER B 135 11.96 -15.56 -15.10
CA SER B 135 13.02 -16.34 -14.44
C SER B 135 12.60 -16.74 -13.02
N VAL B 136 11.98 -15.82 -12.27
CA VAL B 136 11.54 -16.11 -10.89
C VAL B 136 10.48 -17.22 -10.89
N MET B 137 9.56 -17.15 -11.86
CA MET B 137 8.58 -18.20 -12.03
C MET B 137 9.26 -19.58 -12.31
N ARG B 138 10.21 -19.60 -13.25
CA ARG B 138 10.89 -20.82 -13.65
C ARG B 138 11.54 -21.47 -12.43
N ALA B 139 12.25 -20.65 -11.67
CA ALA B 139 13.06 -21.17 -10.57
C ALA B 139 12.14 -21.58 -9.41
N THR B 140 11.06 -20.82 -9.21
CA THR B 140 10.06 -21.15 -8.17
C THR B 140 9.34 -22.46 -8.58
N ARG B 141 9.02 -22.61 -9.86
CA ARG B 141 8.36 -23.84 -10.34
C ARG B 141 9.27 -25.07 -10.13
N ALA B 142 10.51 -24.97 -10.52
CA ALA B 142 11.46 -26.09 -10.34
C ALA B 142 11.70 -26.39 -8.85
N ALA B 143 11.80 -25.34 -8.04
CA ALA B 143 12.03 -25.51 -6.59
C ALA B 143 10.84 -26.15 -5.90
N LEU B 144 9.64 -25.64 -6.14
CA LEU B 144 8.41 -26.23 -5.58
C LEU B 144 8.16 -27.69 -6.01
N ARG B 145 8.47 -28.05 -7.25
CA ARG B 145 8.39 -29.45 -7.71
CA ARG B 145 8.31 -29.45 -7.63
C ARG B 145 9.28 -30.31 -6.83
N TYR B 146 10.48 -29.81 -6.57
CA TYR B 146 11.40 -30.55 -5.69
C TYR B 146 10.84 -30.62 -4.25
N PHE B 147 10.40 -29.49 -3.69
CA PHE B 147 9.90 -29.47 -2.31
C PHE B 147 8.66 -30.33 -2.12
N ARG B 148 7.77 -30.34 -3.11
CA ARG B 148 6.61 -31.26 -3.10
C ARG B 148 7.08 -32.71 -2.89
N GLY B 149 8.23 -33.06 -3.46
CA GLY B 149 8.74 -34.44 -3.40
C GLY B 149 9.50 -34.85 -2.14
N VAL B 150 9.69 -33.92 -1.20
CA VAL B 150 10.38 -34.23 0.06
C VAL B 150 9.52 -33.82 1.26
N ASP B 151 9.97 -34.10 2.48
CA ASP B 151 9.11 -33.83 3.62
C ASP B 151 9.60 -32.67 4.48
N HIS B 152 10.78 -32.14 4.19
CA HIS B 152 11.38 -31.19 5.13
C HIS B 152 11.02 -29.74 4.86
N GLY B 153 10.43 -29.49 3.70
CA GLY B 153 9.98 -28.14 3.35
C GLY B 153 11.20 -27.24 3.14
N GLY B 154 10.94 -25.93 3.13
CA GLY B 154 12.00 -24.95 2.84
C GLY B 154 11.53 -23.53 2.68
N VAL B 155 12.39 -22.68 2.12
CA VAL B 155 12.09 -21.29 1.99
C VAL B 155 12.61 -20.75 0.67
N ILE B 156 11.83 -19.88 0.03
CA ILE B 156 12.32 -19.10 -1.10
C ILE B 156 12.32 -17.60 -0.75
N VAL B 157 13.34 -16.86 -1.19
CA VAL B 157 13.41 -15.41 -1.03
C VAL B 157 13.62 -14.75 -2.40
N ASN B 158 12.68 -13.88 -2.77
CA ASN B 158 12.74 -13.20 -4.04
C ASN B 158 13.30 -11.83 -3.82
N ASN B 159 13.95 -11.27 -4.82
CA ASN B 159 14.50 -9.92 -4.65
C ASN B 159 13.75 -9.01 -5.61
N ALA B 160 12.90 -8.15 -5.06
CA ALA B 160 12.10 -7.30 -5.90
C ALA B 160 12.85 -6.00 -6.06
N SER B 161 12.15 -4.90 -5.83
CA SER B 161 12.73 -3.57 -5.94
C SER B 161 11.71 -2.51 -5.60
N VAL B 162 12.19 -1.40 -5.03
CA VAL B 162 11.31 -0.24 -4.78
C VAL B 162 10.61 0.22 -6.08
N LEU B 163 11.21 -0.07 -7.25
CA LEU B 163 10.59 0.35 -8.50
C LEU B 163 9.23 -0.33 -8.76
N GLY B 164 8.95 -1.43 -8.05
CA GLY B 164 7.63 -2.05 -8.11
C GLY B 164 6.58 -1.09 -7.58
N TRP B 165 6.97 -0.18 -6.69
CA TRP B 165 6.04 0.80 -6.14
C TRP B 165 6.17 2.23 -6.69
N ARG B 166 7.39 2.60 -7.08
CA ARG B 166 7.74 3.98 -7.46
C ARG B 166 7.34 4.36 -8.89
N ALA B 167 6.80 5.56 -9.05
CA ALA B 167 6.54 6.11 -10.37
C ALA B 167 7.85 6.75 -10.87
N GLN B 168 8.43 6.14 -11.89
CA GLN B 168 9.76 6.51 -12.34
C GLN B 168 9.85 6.57 -13.85
N HIS B 169 10.23 7.75 -14.35
CA HIS B 169 10.46 7.96 -15.78
C HIS B 169 11.43 6.90 -16.32
N SER B 170 11.07 6.29 -17.46
CA SER B 170 11.98 5.41 -18.20
C SER B 170 12.28 4.06 -17.53
N GLN B 171 11.45 3.69 -16.57
CA GLN B 171 11.60 2.43 -15.84
C GLN B 171 10.35 1.51 -15.90
N SER B 172 9.45 1.75 -16.85
CA SER B 172 8.21 0.98 -16.91
C SER B 172 8.43 -0.53 -17.08
N HIS B 173 9.42 -0.93 -17.89
CA HIS B 173 9.73 -2.36 -18.04
C HIS B 173 10.14 -3.03 -16.73
N TYR B 174 11.13 -2.43 -16.08
CA TYR B 174 11.75 -2.98 -14.90
C TYR B 174 10.75 -2.89 -13.73
N ALA B 175 10.03 -1.77 -13.65
CA ALA B 175 9.02 -1.57 -12.60
C ALA B 175 7.90 -2.58 -12.72
N ALA B 176 7.40 -2.77 -13.94
CA ALA B 176 6.33 -3.77 -14.16
C ALA B 176 6.80 -5.18 -13.83
N ALA B 177 8.00 -5.56 -14.30
CA ALA B 177 8.59 -6.86 -13.93
C ALA B 177 8.72 -7.00 -12.41
N LYS B 178 9.21 -5.95 -11.74
CA LYS B 178 9.39 -6.04 -10.27
C LYS B 178 8.09 -6.04 -9.44
N ALA B 179 7.09 -5.25 -9.84
CA ALA B 179 5.73 -5.37 -9.30
C ALA B 179 5.21 -6.79 -9.57
N GLY B 180 5.48 -7.30 -10.76
CA GLY B 180 5.13 -8.70 -11.08
C GLY B 180 5.73 -9.70 -10.10
N VAL B 181 6.99 -9.48 -9.75
CA VAL B 181 7.65 -10.36 -8.79
C VAL B 181 6.97 -10.32 -7.40
N MET B 182 6.53 -9.15 -6.98
CA MET B 182 5.83 -9.03 -5.69
C MET B 182 4.53 -9.84 -5.68
N ALA B 183 3.74 -9.68 -6.75
CA ALA B 183 2.50 -10.48 -6.91
C ALA B 183 2.76 -11.98 -7.02
N LEU B 184 3.75 -12.39 -7.83
CA LEU B 184 4.15 -13.81 -7.88
C LEU B 184 4.56 -14.32 -6.49
N THR B 185 5.28 -13.51 -5.72
CA THR B 185 5.68 -13.84 -4.33
C THR B 185 4.44 -14.15 -3.47
N ARG B 186 3.45 -13.26 -3.53
CA ARG B 186 2.19 -13.42 -2.78
C ARG B 186 1.44 -14.69 -3.17
N CYS B 187 1.27 -14.87 -4.47
CA CYS B 187 0.41 -15.97 -4.93
C CYS B 187 1.11 -17.32 -4.78
N SER B 188 2.38 -17.38 -5.16
CA SER B 188 3.11 -18.64 -4.98
C SER B 188 3.25 -18.98 -3.51
N ALA B 189 3.30 -17.98 -2.62
CA ALA B 189 3.35 -18.29 -1.17
C ALA B 189 2.13 -19.08 -0.70
N ILE B 190 0.95 -18.72 -1.15
CA ILE B 190 -0.28 -19.43 -0.76
C ILE B 190 -0.21 -20.87 -1.23
N GLU B 191 0.25 -21.06 -2.45
CA GLU B 191 0.34 -22.41 -3.00
C GLU B 191 1.41 -23.23 -2.27
N ALA B 192 2.47 -22.52 -1.86
CA ALA B 192 3.66 -23.18 -1.31
C ALA B 192 3.45 -23.79 0.09
N VAL B 193 2.47 -23.29 0.84
CA VAL B 193 2.12 -23.82 2.15
C VAL B 193 1.95 -25.34 2.12
N GLU B 194 1.30 -25.86 1.08
CA GLU B 194 1.06 -27.31 0.88
C GLU B 194 2.38 -28.11 0.98
N PHE B 195 3.46 -27.57 0.43
CA PHE B 195 4.77 -28.25 0.40
C PHE B 195 5.73 -27.89 1.53
N GLY B 196 5.22 -27.16 2.53
CA GLY B 196 6.04 -26.82 3.70
C GLY B 196 7.03 -25.71 3.33
N VAL B 197 6.71 -24.92 2.33
CA VAL B 197 7.60 -23.85 1.87
C VAL B 197 7.02 -22.45 2.19
N ARG B 198 7.86 -21.55 2.70
CA ARG B 198 7.53 -20.14 2.82
C ARG B 198 8.19 -19.39 1.67
N ILE B 199 7.50 -18.38 1.13
CA ILE B 199 8.05 -17.48 0.10
C ILE B 199 7.80 -15.98 0.41
N ASN B 200 8.88 -15.23 0.50
CA ASN B 200 8.78 -13.77 0.76
C ASN B 200 9.76 -13.08 -0.15
N ALA B 201 9.76 -11.74 -0.12
CA ALA B 201 10.67 -10.95 -0.97
C ALA B 201 11.24 -9.81 -0.17
N VAL B 202 12.46 -9.43 -0.54
CA VAL B 202 13.03 -8.18 -0.08
C VAL B 202 12.81 -7.18 -1.25
N SER B 203 12.74 -5.88 -0.93
CA SER B 203 12.50 -4.86 -1.94
C SER B 203 13.53 -3.75 -1.68
N PRO B 204 14.71 -3.86 -2.31
CA PRO B 204 15.76 -2.86 -2.06
C PRO B 204 15.44 -1.51 -2.69
N SER B 205 15.77 -0.45 -1.97
CA SER B 205 15.71 0.91 -2.51
C SER B 205 16.84 1.10 -3.55
N ILE B 206 16.66 2.05 -4.48
CA ILE B 206 17.60 2.22 -5.63
C ILE B 206 18.25 3.62 -5.77
N GLU B 228 17.45 9.13 0.27
CA GLU B 228 17.62 8.02 1.21
C GLU B 228 17.65 8.53 2.65
N ALA B 229 16.94 7.83 3.56
CA ALA B 229 16.80 8.30 4.95
C ALA B 229 18.14 8.53 5.69
N PHE B 230 19.13 7.66 5.46
CA PHE B 230 20.43 7.77 6.15
C PHE B 230 21.42 8.71 5.45
N GLY B 231 21.10 9.19 4.27
CA GLY B 231 22.02 10.08 3.55
C GLY B 231 23.11 9.28 2.87
N ARG B 232 22.84 7.98 2.69
CA ARG B 232 23.75 7.05 2.03
C ARG B 232 22.94 5.90 1.44
N ALA B 233 23.51 5.25 0.42
CA ALA B 233 22.92 4.03 -0.15
C ALA B 233 23.21 2.84 0.78
N ALA B 234 22.42 1.77 0.66
CA ALA B 234 22.68 0.55 1.42
C ALA B 234 24.00 -0.05 0.95
N GLU B 235 24.72 -0.69 1.86
CA GLU B 235 25.79 -1.58 1.48
C GLU B 235 25.12 -2.90 1.05
N PRO B 236 25.70 -3.58 0.05
CA PRO B 236 25.17 -4.86 -0.35
C PRO B 236 24.91 -5.79 0.81
N TRP B 237 25.78 -5.78 1.83
CA TRP B 237 25.64 -6.73 2.92
C TRP B 237 24.35 -6.50 3.70
N GLU B 238 23.91 -5.25 3.77
CA GLU B 238 22.70 -4.93 4.50
C GLU B 238 21.46 -5.53 3.84
N VAL B 239 21.44 -5.58 2.50
CA VAL B 239 20.33 -6.25 1.80
C VAL B 239 20.38 -7.75 2.01
N ALA B 240 21.59 -8.34 1.89
CA ALA B 240 21.81 -9.77 2.11
C ALA B 240 21.45 -10.15 3.56
N ALA B 241 21.72 -9.26 4.50
CA ALA B 241 21.37 -9.54 5.89
C ALA B 241 19.86 -9.70 6.09
N THR B 242 19.07 -8.89 5.38
CA THR B 242 17.63 -9.02 5.51
C THR B 242 17.12 -10.27 4.74
N ILE B 243 17.76 -10.60 3.63
CA ILE B 243 17.52 -11.88 2.97
C ILE B 243 17.73 -13.06 3.93
N ALA B 244 18.83 -13.01 4.69
CA ALA B 244 19.15 -14.07 5.63
C ALA B 244 18.02 -14.22 6.66
N PHE B 245 17.49 -13.10 7.17
CA PHE B 245 16.33 -13.13 8.09
C PHE B 245 15.13 -13.86 7.48
N LEU B 246 14.79 -13.53 6.25
CA LEU B 246 13.63 -14.14 5.58
C LEU B 246 13.88 -15.58 5.23
N ALA B 247 15.16 -15.96 5.10
CA ALA B 247 15.55 -17.38 4.95
C ALA B 247 15.51 -18.14 6.28
N SER B 248 15.68 -17.43 7.40
CA SER B 248 15.88 -18.01 8.74
C SER B 248 14.58 -18.29 9.48
N ASP B 249 14.67 -19.03 10.58
CA ASP B 249 13.49 -19.25 11.43
C ASP B 249 12.98 -18.00 12.18
N TYR B 250 13.74 -16.90 12.16
CA TYR B 250 13.28 -15.65 12.77
C TYR B 250 12.06 -15.07 12.04
N SER B 251 11.86 -15.47 10.78
CA SER B 251 10.68 -15.02 10.02
C SER B 251 9.64 -16.16 9.89
N SER B 252 9.70 -17.12 10.84
CA SER B 252 8.87 -18.32 10.91
C SER B 252 7.41 -18.18 10.43
N TYR B 253 6.73 -17.13 10.91
CA TYR B 253 5.31 -16.92 10.55
C TYR B 253 5.05 -16.16 9.24
N MET B 254 6.06 -15.52 8.67
CA MET B 254 5.91 -14.73 7.46
C MET B 254 5.89 -15.54 6.18
N THR B 255 4.87 -15.32 5.37
CA THR B 255 4.87 -15.81 3.99
C THR B 255 4.10 -14.81 3.12
N GLY B 256 4.49 -14.71 1.86
CA GLY B 256 3.83 -13.80 0.90
C GLY B 256 4.05 -12.31 1.20
N GLU B 257 5.11 -12.00 1.96
CA GLU B 257 5.42 -10.61 2.37
C GLU B 257 6.52 -10.02 1.54
N VAL B 258 6.53 -8.70 1.46
CA VAL B 258 7.56 -7.96 0.73
C VAL B 258 8.15 -6.89 1.68
N VAL B 259 9.45 -7.00 1.99
CA VAL B 259 10.06 -6.15 3.00
C VAL B 259 10.87 -5.05 2.34
N SER B 260 10.45 -3.79 2.56
CA SER B 260 11.20 -2.68 1.96
C SER B 260 12.53 -2.41 2.67
N VAL B 261 13.63 -2.35 1.90
CA VAL B 261 14.96 -2.12 2.45
C VAL B 261 15.69 -1.06 1.59
N SER B 262 15.41 0.23 1.80
CA SER B 262 14.48 0.78 2.81
C SER B 262 13.86 2.07 2.25
N SER B 263 12.55 2.07 2.03
CA SER B 263 11.88 3.22 1.43
CA SER B 263 11.87 3.21 1.41
C SER B 263 10.72 3.78 2.26
N GLN B 264 10.65 3.39 3.53
CA GLN B 264 9.51 3.78 4.40
C GLN B 264 8.15 3.47 3.74
N ARG B 265 8.02 2.23 3.25
CA ARG B 265 6.84 1.80 2.52
C ARG B 265 5.62 1.72 3.45
N ALA B 266 4.56 2.43 3.08
CA ALA B 266 3.33 2.52 3.89
C ALA B 266 2.24 1.60 3.37
N MET C 5 8.09 -31.33 7.99
CA MET C 5 7.61 -29.93 8.03
C MET C 5 6.14 -29.87 7.63
N ASN C 6 5.32 -29.32 8.52
CA ASN C 6 3.90 -29.07 8.29
C ASN C 6 3.52 -27.73 8.90
N LEU C 7 3.18 -26.77 8.03
CA LEU C 7 3.04 -25.36 8.48
C LEU C 7 1.82 -25.04 9.37
N SER C 8 0.84 -25.93 9.43
CA SER C 8 -0.30 -25.72 10.33
C SER C 8 0.00 -26.17 11.77
N GLU C 9 1.13 -26.83 11.96
CA GLU C 9 1.54 -27.22 13.29
C GLU C 9 2.28 -26.05 13.96
N ALA C 10 1.98 -25.81 15.22
CA ALA C 10 2.60 -24.75 15.99
C ALA C 10 4.09 -25.09 16.18
N PRO C 11 5.03 -24.25 15.67
CA PRO C 11 6.45 -24.62 15.74
C PRO C 11 7.05 -24.35 17.13
N LYS C 12 8.16 -25.04 17.43
CA LYS C 12 8.84 -24.85 18.72
C LYS C 12 9.65 -23.56 18.70
N GLU C 13 9.59 -22.81 19.79
CA GLU C 13 10.41 -21.63 19.94
C GLU C 13 11.89 -21.95 19.67
N ILE C 14 12.52 -21.17 18.79
CA ILE C 14 13.93 -21.36 18.45
C ILE C 14 14.89 -20.84 19.53
N ASP C 15 16.10 -21.40 19.57
CA ASP C 15 17.17 -20.93 20.48
C ASP C 15 17.63 -19.50 20.16
N GLY C 16 18.34 -18.88 21.10
CA GLY C 16 19.04 -17.62 20.83
C GLY C 16 20.22 -17.79 19.89
N HIS C 17 20.56 -16.72 19.18
CA HIS C 17 21.68 -16.73 18.22
C HIS C 17 22.56 -15.51 18.42
N GLY C 18 22.58 -14.96 19.63
CA GLY C 18 23.42 -13.83 19.98
C GLY C 18 23.15 -12.49 19.26
N LEU C 19 21.91 -12.28 18.80
CA LEU C 19 21.58 -11.08 18.00
C LEU C 19 21.64 -9.73 18.76
N LEU C 20 21.44 -9.77 20.06
CA LEU C 20 21.44 -8.56 20.90
C LEU C 20 22.47 -8.63 22.06
N LYS C 21 23.52 -9.41 21.84
CA LYS C 21 24.51 -9.65 22.89
C LYS C 21 25.02 -8.31 23.42
N GLY C 22 24.77 -8.07 24.70
CA GLY C 22 25.28 -6.90 25.39
C GLY C 22 24.42 -5.65 25.34
N LYS C 23 23.25 -5.72 24.70
CA LYS C 23 22.42 -4.53 24.50
C LYS C 23 21.49 -4.42 25.68
N VAL C 24 21.09 -3.20 26.02
CA VAL C 24 20.02 -3.03 27.02
C VAL C 24 18.70 -2.83 26.27
N VAL C 25 17.77 -3.76 26.49
CA VAL C 25 16.45 -3.77 25.83
C VAL C 25 15.34 -3.54 26.85
N LEU C 26 14.57 -2.46 26.66
CA LEU C 26 13.39 -2.12 27.46
C LEU C 26 12.15 -2.51 26.68
N VAL C 27 11.27 -3.24 27.36
CA VAL C 27 10.05 -3.76 26.72
C VAL C 27 8.86 -3.36 27.57
N THR C 28 7.91 -2.65 26.95
CA THR C 28 6.70 -2.21 27.65
C THR C 28 5.57 -3.26 27.59
N ALA C 29 4.57 -3.11 28.46
CA ALA C 29 3.46 -4.05 28.64
C ALA C 29 3.97 -5.48 28.69
N ALA C 30 4.97 -5.70 29.55
CA ALA C 30 5.70 -6.94 29.54
C ALA C 30 5.49 -7.82 30.77
N ALA C 31 4.45 -7.54 31.54
CA ALA C 31 4.09 -8.45 32.61
C ALA C 31 3.35 -9.63 32.01
N GLY C 32 3.57 -10.82 32.53
CA GLY C 32 2.73 -11.95 32.12
C GLY C 32 3.38 -12.96 31.20
N THR C 33 2.64 -13.27 30.13
CA THR C 33 2.91 -14.37 29.23
C THR C 33 2.67 -13.87 27.79
N GLY C 34 2.21 -12.62 27.67
CA GLY C 34 1.77 -12.04 26.38
C GLY C 34 2.95 -11.67 25.50
N ILE C 35 2.69 -10.81 24.51
CA ILE C 35 3.74 -10.47 23.58
C ILE C 35 4.87 -9.68 24.24
N GLY C 36 4.55 -8.82 25.21
CA GLY C 36 5.58 -8.06 25.91
C GLY C 36 6.54 -9.01 26.62
N SER C 37 5.97 -9.96 27.37
CA SER C 37 6.76 -10.90 28.14
C SER C 37 7.62 -11.80 27.25
N THR C 38 6.99 -12.31 26.21
CA THR C 38 7.63 -13.18 25.24
C THR C 38 8.82 -12.48 24.55
N THR C 39 8.64 -11.21 24.24
CA THR C 39 9.64 -10.43 23.58
C THR C 39 10.82 -10.17 24.54
N ALA C 40 10.51 -9.99 25.82
CA ALA C 40 11.57 -9.82 26.84
C ALA C 40 12.40 -11.10 26.90
N ARG C 41 11.72 -12.25 26.90
CA ARG C 41 12.39 -13.56 26.90
C ARG C 41 13.28 -13.70 25.66
N ARG C 42 12.72 -13.35 24.49
CA ARG C 42 13.51 -13.42 23.27
C ARG C 42 14.77 -12.54 23.43
N ALA C 43 14.60 -11.32 23.95
CA ALA C 43 15.74 -10.42 24.18
C ALA C 43 16.82 -11.07 25.06
N LEU C 44 16.41 -11.73 26.14
CA LEU C 44 17.35 -12.48 26.97
C LEU C 44 17.99 -13.67 26.22
N LEU C 45 17.17 -14.43 25.48
CA LEU C 45 17.72 -15.53 24.69
C LEU C 45 18.78 -15.02 23.70
N GLU C 46 18.59 -13.78 23.22
CA GLU C 46 19.56 -13.15 22.31
C GLU C 46 20.77 -12.47 22.98
N GLY C 47 20.95 -12.65 24.30
CA GLY C 47 22.12 -12.10 25.01
C GLY C 47 21.98 -10.73 25.65
N ALA C 48 20.77 -10.18 25.60
CA ALA C 48 20.55 -8.81 26.06
C ALA C 48 20.45 -8.79 27.58
N ASP C 49 20.69 -7.64 28.21
CA ASP C 49 20.12 -7.35 29.52
C ASP C 49 18.77 -6.73 29.20
N VAL C 50 17.80 -6.93 30.08
CA VAL C 50 16.44 -6.51 29.83
C VAL C 50 15.84 -5.70 30.96
N VAL C 51 15.08 -4.67 30.61
CA VAL C 51 14.20 -4.01 31.56
C VAL C 51 12.75 -4.23 31.09
N ILE C 52 11.91 -4.74 31.99
CA ILE C 52 10.48 -4.87 31.67
C ILE C 52 9.64 -3.84 32.38
N SER C 53 8.55 -3.44 31.72
CA SER C 53 7.66 -2.44 32.29
C SER C 53 6.20 -2.82 32.13
N ASP C 54 5.34 -2.32 33.02
CA ASP C 54 3.88 -2.61 33.00
C ASP C 54 3.23 -1.78 34.10
N TYR C 55 1.90 -1.79 34.18
CA TYR C 55 1.23 -1.20 35.35
C TYR C 55 0.83 -2.26 36.40
N HIS C 56 0.67 -3.53 35.97
CA HIS C 56 0.40 -4.66 36.88
C HIS C 56 1.64 -4.92 37.77
N GLU C 57 1.76 -4.17 38.88
CA GLU C 57 2.99 -4.13 39.70
C GLU C 57 3.49 -5.49 40.21
N ARG C 58 2.57 -6.30 40.77
CA ARG C 58 2.91 -7.62 41.29
C ARG C 58 3.23 -8.62 40.17
N ARG C 59 2.39 -8.61 39.13
CA ARG C 59 2.56 -9.48 37.96
C ARG C 59 3.92 -9.23 37.25
N LEU C 60 4.34 -7.96 37.25
CA LEU C 60 5.60 -7.53 36.65
C LEU C 60 6.83 -8.08 37.39
N GLY C 61 6.86 -7.82 38.70
CA GLY C 61 7.85 -8.37 39.62
C GLY C 61 7.97 -9.87 39.49
N GLU C 62 6.82 -10.54 39.42
CA GLU C 62 6.79 -11.99 39.22
C GLU C 62 7.38 -12.38 37.85
N THR C 63 7.00 -11.68 36.78
CA THR C 63 7.63 -11.90 35.46
C THR C 63 9.16 -11.68 35.48
N ARG C 64 9.60 -10.61 36.13
CA ARG C 64 11.02 -10.30 36.28
C ARG C 64 11.74 -11.47 36.91
N ASP C 65 11.18 -11.98 38.00
CA ASP C 65 11.81 -13.08 38.74
C ASP C 65 11.92 -14.33 37.86
N GLN C 66 10.87 -14.64 37.11
CA GLN C 66 10.90 -15.80 36.19
C GLN C 66 11.89 -15.63 35.07
N LEU C 67 12.00 -14.41 34.53
CA LEU C 67 13.01 -14.18 33.50
C LEU C 67 14.41 -14.26 34.12
N ALA C 68 14.59 -13.76 35.33
CA ALA C 68 15.87 -13.90 36.06
C ALA C 68 16.30 -15.36 36.29
N ASP C 69 15.32 -16.25 36.43
CA ASP C 69 15.57 -17.70 36.64
C ASP C 69 16.31 -18.42 35.53
N LEU C 70 16.17 -17.90 34.29
CA LEU C 70 16.86 -18.45 33.11
C LEU C 70 18.37 -18.39 33.25
N GLY C 71 18.84 -17.55 34.17
CA GLY C 71 20.26 -17.43 34.43
C GLY C 71 21.03 -16.87 33.24
N LEU C 72 20.39 -16.02 32.46
CA LEU C 72 21.05 -15.36 31.32
C LEU C 72 21.43 -13.93 31.72
N GLY C 73 20.95 -12.94 30.97
CA GLY C 73 21.26 -11.53 31.26
C GLY C 73 20.51 -10.99 32.46
N ARG C 74 20.84 -9.76 32.86
CA ARG C 74 20.14 -9.09 33.98
C ARG C 74 18.70 -8.74 33.62
N VAL C 75 17.79 -8.87 34.59
CA VAL C 75 16.40 -8.47 34.41
C VAL C 75 16.01 -7.44 35.47
N GLU C 76 15.56 -6.27 35.03
CA GLU C 76 15.09 -5.23 35.93
C GLU C 76 13.64 -4.98 35.59
N ALA C 77 12.86 -4.54 36.57
CA ALA C 77 11.47 -4.17 36.34
C ALA C 77 11.27 -2.73 36.73
N VAL C 78 10.45 -1.99 35.99
CA VAL C 78 10.10 -0.60 36.32
C VAL C 78 8.61 -0.38 36.02
N VAL C 79 7.84 -0.03 37.05
CA VAL C 79 6.40 0.24 36.93
C VAL C 79 6.13 1.53 36.16
N CYS C 80 5.20 1.47 35.21
CA CYS C 80 4.82 2.63 34.44
C CYS C 80 3.41 2.51 33.90
N ASP C 81 2.57 3.46 34.27
CA ASP C 81 1.30 3.72 33.59
C ASP C 81 1.62 4.53 32.34
N VAL C 82 1.41 3.91 31.18
CA VAL C 82 1.79 4.55 29.92
C VAL C 82 0.86 5.69 29.50
N THR C 83 -0.23 5.92 30.23
CA THR C 83 -1.07 7.09 29.97
C THR C 83 -0.57 8.34 30.70
N SER C 84 0.50 8.19 31.48
CA SER C 84 1.09 9.33 32.21
C SER C 84 2.45 9.70 31.66
N THR C 85 2.56 10.91 31.14
CA THR C 85 3.82 11.41 30.64
C THR C 85 4.95 11.37 31.69
N GLU C 86 4.63 11.82 32.92
CA GLU C 86 5.60 11.79 34.03
C GLU C 86 6.11 10.36 34.27
N ALA C 87 5.20 9.38 34.28
CA ALA C 87 5.60 7.97 34.45
C ALA C 87 6.48 7.43 33.32
N VAL C 88 6.17 7.79 32.07
CA VAL C 88 6.95 7.35 30.91
C VAL C 88 8.34 7.99 30.90
N ASP C 89 8.39 9.30 31.15
CA ASP C 89 9.65 10.01 31.35
C ASP C 89 10.52 9.35 32.42
N ALA C 90 9.89 8.99 33.53
CA ALA C 90 10.58 8.33 34.64
C ALA C 90 10.97 6.87 34.33
N LEU C 91 10.21 6.24 33.43
CA LEU C 91 10.57 4.90 32.94
C LEU C 91 11.94 4.90 32.23
N ILE C 92 12.16 5.86 31.34
CA ILE C 92 13.43 5.97 30.62
C ILE C 92 14.59 6.25 31.58
N THR C 93 14.40 7.23 32.47
CA THR C 93 15.42 7.57 33.46
C THR C 93 15.82 6.38 34.35
N GLN C 94 14.82 5.69 34.90
CA GLN C 94 15.09 4.55 35.78
C GLN C 94 15.76 3.41 35.04
N THR C 95 15.36 3.20 33.79
CA THR C 95 15.98 2.18 32.95
C THR C 95 17.45 2.51 32.83
N VAL C 96 17.73 3.78 32.53
CA VAL C 96 19.11 4.20 32.32
C VAL C 96 19.93 4.16 33.63
N GLU C 97 19.30 4.49 34.75
CA GLU C 97 19.93 4.42 36.08
C GLU C 97 20.25 3.00 36.47
N LYS C 98 19.27 2.11 36.28
CA LYS C 98 19.37 0.74 36.75
C LYS C 98 20.29 -0.11 35.91
N ALA C 99 20.14 0.02 34.59
CA ALA C 99 20.82 -0.89 33.69
C ALA C 99 22.10 -0.28 33.10
N GLY C 100 22.20 1.04 33.18
CA GLY C 100 23.43 1.75 32.83
C GLY C 100 23.35 2.52 31.52
N ARG C 101 22.38 2.14 30.68
CA ARG C 101 22.21 2.67 29.32
C ARG C 101 20.91 2.06 28.76
N LEU C 102 20.43 2.59 27.65
CA LEU C 102 19.30 1.98 26.90
C LEU C 102 19.78 1.86 25.45
N ASP C 103 19.56 0.70 24.82
CA ASP C 103 19.96 0.49 23.45
C ASP C 103 18.76 0.26 22.52
N VAL C 104 17.76 -0.46 23.03
CA VAL C 104 16.59 -0.85 22.25
C VAL C 104 15.33 -0.60 23.06
N LEU C 105 14.35 0.11 22.49
CA LEU C 105 13.03 0.17 23.12
C LEU C 105 12.01 -0.59 22.26
N VAL C 106 11.24 -1.45 22.91
CA VAL C 106 10.08 -2.09 22.28
C VAL C 106 8.77 -1.53 22.89
N ASN C 107 8.00 -0.87 22.01
CA ASN C 107 6.74 -0.26 22.35
C ASN C 107 5.60 -1.25 22.11
N ASN C 108 5.28 -2.01 23.15
CA ASN C 108 4.16 -2.90 23.08
C ASN C 108 2.85 -2.33 23.55
N ALA C 109 2.83 -1.66 24.69
CA ALA C 109 1.52 -1.26 25.21
C ALA C 109 0.48 -0.88 24.11
N GLY C 110 -0.70 -1.55 24.11
CA GLY C 110 -1.93 -1.22 23.33
C GLY C 110 -3.26 -1.58 24.03
N LEU C 111 -4.41 -1.06 23.56
CA LEU C 111 -5.75 -1.40 24.15
C LEU C 111 -6.90 -1.65 23.13
N GLY C 112 -7.50 -2.84 23.20
CA GLY C 112 -8.50 -3.22 22.20
C GLY C 112 -9.90 -2.79 22.55
N GLY C 113 -10.82 -2.98 21.59
CA GLY C 113 -12.23 -2.68 21.82
C GLY C 113 -13.07 -3.25 20.71
N GLN C 114 -14.40 -3.21 20.89
CA GLN C 114 -15.32 -3.69 19.87
C GLN C 114 -16.62 -2.86 19.94
N THR C 115 -16.67 -1.81 19.13
CA THR C 115 -17.76 -0.84 19.22
C THR C 115 -17.97 -0.19 17.87
N PRO C 116 -19.19 -0.26 17.32
CA PRO C 116 -19.45 0.47 16.10
C PRO C 116 -19.42 1.97 16.36
N VAL C 117 -19.03 2.73 15.33
CA VAL C 117 -18.99 4.17 15.39
C VAL C 117 -20.33 4.80 15.80
N VAL C 118 -21.43 4.25 15.27
CA VAL C 118 -22.74 4.83 15.49
C VAL C 118 -23.06 4.94 16.99
N ASP C 119 -22.53 4.01 17.80
CA ASP C 119 -22.72 4.03 19.27
C ASP C 119 -21.41 4.18 20.04
N MET C 120 -20.36 4.63 19.37
CA MET C 120 -19.08 4.90 20.04
C MET C 120 -19.27 5.94 21.16
N THR C 121 -18.64 5.71 22.31
CA THR C 121 -18.56 6.71 23.36
C THR C 121 -17.24 7.46 23.26
N ASP C 122 -17.24 8.77 23.57
CA ASP C 122 -15.97 9.53 23.62
C ASP C 122 -14.96 8.95 24.60
N GLU C 123 -15.45 8.48 25.75
CA GLU C 123 -14.57 7.89 26.75
C GLU C 123 -13.76 6.71 26.19
N GLU C 124 -14.43 5.78 25.50
CA GLU C 124 -13.73 4.59 25.00
C GLU C 124 -12.79 4.98 23.86
N TRP C 125 -13.28 5.82 22.96
CA TRP C 125 -12.47 6.33 21.85
C TRP C 125 -11.20 6.94 22.38
N ASP C 126 -11.32 7.89 23.33
CA ASP C 126 -10.14 8.58 23.88
C ASP C 126 -9.17 7.66 24.60
N ARG C 127 -9.68 6.65 25.29
CA ARG C 127 -8.80 5.74 26.02
C ARG C 127 -8.00 4.83 25.04
N VAL C 128 -8.69 4.27 24.06
CA VAL C 128 -8.02 3.42 23.07
C VAL C 128 -6.88 4.21 22.40
N LEU C 129 -7.19 5.41 21.93
CA LEU C 129 -6.16 6.28 21.33
C LEU C 129 -5.00 6.61 22.27
N ASN C 130 -5.31 6.88 23.54
CA ASN C 130 -4.30 7.23 24.53
C ASN C 130 -3.34 6.06 24.80
N VAL C 131 -3.90 4.88 25.07
CA VAL C 131 -3.06 3.71 25.37
C VAL C 131 -2.31 3.21 24.13
N THR C 132 -2.98 3.26 22.98
CA THR C 132 -2.47 2.57 21.79
C THR C 132 -1.56 3.44 20.95
N LEU C 133 -1.88 4.73 20.84
CA LEU C 133 -1.13 5.62 19.95
C LEU C 133 -0.31 6.61 20.78
N THR C 134 -0.97 7.39 21.62
CA THR C 134 -0.27 8.43 22.38
C THR C 134 0.86 7.88 23.32
N SER C 135 0.65 6.74 23.99
CA SER C 135 1.75 6.09 24.76
C SER C 135 3.00 5.86 23.92
N VAL C 136 2.82 5.48 22.65
CA VAL C 136 3.96 5.24 21.79
C VAL C 136 4.72 6.53 21.52
N MET C 137 3.99 7.63 21.36
CA MET C 137 4.65 8.92 21.22
C MET C 137 5.35 9.31 22.52
N ARG C 138 4.72 9.04 23.65
CA ARG C 138 5.30 9.41 24.96
C ARG C 138 6.64 8.71 25.09
N ALA C 139 6.60 7.39 24.88
CA ALA C 139 7.80 6.57 25.08
C ALA C 139 8.90 6.89 24.06
N THR C 140 8.49 7.20 22.82
CA THR C 140 9.43 7.57 21.77
C THR C 140 10.11 8.94 22.04
N ARG C 141 9.32 9.92 22.49
CA ARG C 141 9.88 11.23 22.84
C ARG C 141 10.96 11.07 23.91
N ALA C 142 10.61 10.39 24.99
CA ALA C 142 11.50 10.20 26.13
C ALA C 142 12.79 9.50 25.77
N ALA C 143 12.71 8.50 24.88
CA ALA C 143 13.86 7.76 24.41
C ALA C 143 14.75 8.59 23.49
N LEU C 144 14.15 9.28 22.53
CA LEU C 144 14.93 10.18 21.67
C LEU C 144 15.63 11.30 22.49
N ARG C 145 14.99 11.76 23.55
CA ARG C 145 15.63 12.75 24.45
C ARG C 145 16.87 12.17 25.12
N TYR C 146 16.74 10.94 25.62
CA TYR C 146 17.90 10.23 26.13
C TYR C 146 18.94 10.09 25.03
N PHE C 147 18.56 9.47 23.90
CA PHE C 147 19.48 9.25 22.79
C PHE C 147 20.18 10.51 22.31
N ARG C 148 19.43 11.61 22.25
CA ARG C 148 20.01 12.90 21.91
C ARG C 148 21.17 13.28 22.83
N GLY C 149 21.04 13.03 24.13
CA GLY C 149 22.04 13.41 25.11
C GLY C 149 23.28 12.52 25.13
N VAL C 150 23.23 11.34 24.51
CA VAL C 150 24.42 10.44 24.42
C VAL C 150 25.01 10.34 22.99
N ASP C 151 26.16 9.70 22.86
CA ASP C 151 26.87 9.63 21.57
C ASP C 151 26.50 8.37 20.83
N HIS C 152 25.98 7.37 21.55
CA HIS C 152 25.54 6.19 20.88
C HIS C 152 24.09 6.37 20.37
N GLY C 153 23.69 5.50 19.47
CA GLY C 153 22.32 5.49 19.01
C GLY C 153 21.68 4.24 19.55
N GLY C 154 20.76 3.69 18.79
CA GLY C 154 20.00 2.54 19.26
C GLY C 154 18.84 2.31 18.32
N VAL C 155 17.79 1.68 18.81
CA VAL C 155 16.73 1.15 17.94
C VAL C 155 15.42 1.12 18.67
N ILE C 156 14.36 1.57 18.02
CA ILE C 156 13.04 1.44 18.61
C ILE C 156 12.22 0.49 17.73
N VAL C 157 11.49 -0.43 18.36
CA VAL C 157 10.54 -1.26 17.59
C VAL C 157 9.11 -1.02 18.07
N ASN C 158 8.24 -0.55 17.17
CA ASN C 158 6.84 -0.42 17.53
C ASN C 158 6.01 -1.66 17.16
N ASN C 159 4.90 -1.85 17.87
CA ASN C 159 4.03 -2.98 17.62
C ASN C 159 2.67 -2.41 17.15
N ALA C 160 2.47 -2.39 15.83
CA ALA C 160 1.25 -1.90 15.21
C ALA C 160 0.21 -3.04 15.12
N SER C 161 -0.41 -3.21 13.97
CA SER C 161 -1.47 -4.21 13.77
C SER C 161 -1.95 -4.21 12.33
N VAL C 162 -2.35 -5.38 11.84
CA VAL C 162 -3.00 -5.47 10.52
C VAL C 162 -4.28 -4.58 10.47
N LEU C 163 -4.87 -4.30 11.63
CA LEU C 163 -6.04 -3.40 11.74
C LEU C 163 -5.77 -1.97 11.29
N GLY C 164 -4.50 -1.56 11.30
CA GLY C 164 -4.09 -0.32 10.63
C GLY C 164 -4.49 -0.26 9.16
N TRP C 165 -4.53 -1.42 8.50
CA TRP C 165 -4.84 -1.50 7.09
C TRP C 165 -6.21 -2.09 6.78
N ARG C 166 -6.64 -3.02 7.61
CA ARG C 166 -7.87 -3.77 7.35
C ARG C 166 -9.16 -2.99 7.67
N ALA C 167 -10.17 -3.12 6.79
CA ALA C 167 -11.47 -2.55 7.03
C ALA C 167 -12.25 -3.54 7.88
N GLN C 168 -12.53 -3.19 9.12
CA GLN C 168 -13.10 -4.13 10.08
C GLN C 168 -14.23 -3.50 10.90
N HIS C 169 -15.41 -4.11 10.83
CA HIS C 169 -16.58 -3.68 11.58
C HIS C 169 -16.22 -3.60 13.08
N SER C 170 -16.61 -2.50 13.73
CA SER C 170 -16.41 -2.28 15.18
C SER C 170 -14.95 -2.06 15.68
N GLN C 171 -14.01 -1.82 14.77
CA GLN C 171 -12.61 -1.61 15.17
C GLN C 171 -12.09 -0.20 14.90
N SER C 172 -12.98 0.75 14.65
CA SER C 172 -12.52 2.05 14.18
C SER C 172 -11.54 2.74 15.13
N HIS C 173 -11.75 2.64 16.45
CA HIS C 173 -10.82 3.24 17.44
C HIS C 173 -9.40 2.61 17.41
N TYR C 174 -9.35 1.29 17.52
CA TYR C 174 -8.08 0.56 17.54
C TYR C 174 -7.36 0.65 16.18
N ALA C 175 -8.13 0.58 15.10
CA ALA C 175 -7.62 0.65 13.74
C ALA C 175 -7.05 2.04 13.50
N ALA C 176 -7.78 3.07 13.90
CA ALA C 176 -7.26 4.44 13.74
C ALA C 176 -5.98 4.60 14.55
N ALA C 177 -6.00 4.18 15.81
CA ALA C 177 -4.82 4.21 16.67
C ALA C 177 -3.60 3.48 16.06
N LYS C 178 -3.82 2.28 15.54
CA LYS C 178 -2.71 1.47 15.01
C LYS C 178 -2.17 2.02 13.68
N ALA C 179 -3.07 2.54 12.84
CA ALA C 179 -2.67 3.32 11.66
C ALA C 179 -1.86 4.55 12.09
N GLY C 180 -2.28 5.22 13.18
CA GLY C 180 -1.51 6.31 13.78
C GLY C 180 -0.09 5.83 14.14
N VAL C 181 0.01 4.66 14.78
CA VAL C 181 1.32 4.13 15.13
C VAL C 181 2.22 3.94 13.89
N MET C 182 1.64 3.48 12.79
CA MET C 182 2.46 3.25 11.58
C MET C 182 2.99 4.60 11.07
N ALA C 183 2.14 5.61 11.05
CA ALA C 183 2.57 6.93 10.58
C ALA C 183 3.59 7.54 11.52
N LEU C 184 3.37 7.38 12.82
CA LEU C 184 4.32 7.89 13.79
C LEU C 184 5.69 7.19 13.63
N THR C 185 5.66 5.89 13.36
CA THR C 185 6.88 5.13 13.08
C THR C 185 7.66 5.78 11.94
N ARG C 186 6.98 6.07 10.84
CA ARG C 186 7.58 6.61 9.64
C ARG C 186 8.24 7.97 9.89
N CYS C 187 7.50 8.87 10.51
CA CYS C 187 7.91 10.26 10.66
C CYS C 187 9.01 10.38 11.74
N SER C 188 8.76 9.81 12.92
CA SER C 188 9.79 9.70 13.94
C SER C 188 11.11 9.02 13.43
N ALA C 189 11.01 8.01 12.56
CA ALA C 189 12.20 7.40 11.92
C ALA C 189 13.09 8.40 11.15
N ILE C 190 12.49 9.26 10.32
CA ILE C 190 13.25 10.30 9.61
C ILE C 190 13.94 11.26 10.59
N GLU C 191 13.25 11.58 11.69
CA GLU C 191 13.78 12.49 12.68
C GLU C 191 14.89 11.84 13.52
N ALA C 192 14.79 10.53 13.69
CA ALA C 192 15.67 9.81 14.62
C ALA C 192 17.06 9.52 14.06
N VAL C 193 17.22 9.65 12.73
CA VAL C 193 18.48 9.40 12.03
C VAL C 193 19.56 10.27 12.66
N GLU C 194 19.18 11.49 13.01
CA GLU C 194 20.11 12.48 13.56
C GLU C 194 20.83 11.93 14.78
N PHE C 195 20.10 11.23 15.65
CA PHE C 195 20.61 10.64 16.90
C PHE C 195 21.16 9.20 16.79
N GLY C 196 21.32 8.72 15.56
CA GLY C 196 21.79 7.35 15.30
C GLY C 196 20.77 6.28 15.67
N VAL C 197 19.48 6.64 15.70
CA VAL C 197 18.43 5.68 16.06
C VAL C 197 17.58 5.27 14.87
N ARG C 198 17.31 3.95 14.75
CA ARG C 198 16.39 3.41 13.73
C ARG C 198 15.06 3.13 14.38
N ILE C 199 13.97 3.36 13.65
CA ILE C 199 12.64 3.08 14.19
C ILE C 199 11.81 2.30 13.15
N ASN C 200 11.36 1.11 13.52
CA ASN C 200 10.48 0.29 12.67
C ASN C 200 9.34 -0.30 13.51
N ALA C 201 8.39 -0.96 12.85
CA ALA C 201 7.27 -1.59 13.53
C ALA C 201 7.08 -2.97 12.97
N VAL C 202 6.60 -3.85 13.82
CA VAL C 202 6.07 -5.09 13.34
C VAL C 202 4.56 -4.87 13.28
N SER C 203 3.88 -5.63 12.44
CA SER C 203 2.41 -5.54 12.28
C SER C 203 1.76 -6.94 12.32
N PRO C 204 1.37 -7.40 13.52
CA PRO C 204 0.77 -8.75 13.67
C PRO C 204 -0.59 -8.91 12.99
N SER C 205 -0.78 -10.03 12.28
CA SER C 205 -2.12 -10.44 11.82
C SER C 205 -2.94 -10.92 13.04
N ILE C 206 -4.27 -11.03 12.90
CA ILE C 206 -5.10 -11.28 14.09
C ILE C 206 -5.78 -12.65 14.06
N GLU C 228 -5.90 -17.17 7.23
CA GLU C 228 -4.52 -17.43 7.64
C GLU C 228 -3.86 -18.40 6.66
N ALA C 229 -2.80 -17.94 6.00
CA ALA C 229 -2.08 -18.74 5.00
C ALA C 229 -1.69 -20.14 5.51
N PHE C 230 -1.20 -20.24 6.74
CA PHE C 230 -0.77 -21.54 7.27
C PHE C 230 -1.93 -22.31 7.92
N GLY C 231 -3.10 -21.68 8.04
CA GLY C 231 -4.22 -22.32 8.76
C GLY C 231 -3.98 -22.44 10.27
N ARG C 232 -3.14 -21.56 10.81
CA ARG C 232 -2.93 -21.49 12.26
C ARG C 232 -2.62 -20.04 12.60
N ALA C 233 -2.85 -19.65 13.86
CA ALA C 233 -2.40 -18.33 14.32
C ALA C 233 -0.88 -18.32 14.53
N ALA C 234 -0.32 -17.12 14.65
CA ALA C 234 1.09 -16.95 15.02
C ALA C 234 1.28 -17.35 16.48
N GLU C 235 2.39 -18.01 16.79
CA GLU C 235 2.81 -18.14 18.18
C GLU C 235 3.35 -16.79 18.67
N PRO C 236 3.04 -16.40 19.92
CA PRO C 236 3.66 -15.14 20.32
C PRO C 236 5.17 -15.16 20.07
N TRP C 237 5.84 -16.31 20.25
CA TRP C 237 7.30 -16.32 20.05
C TRP C 237 7.67 -15.91 18.64
N GLU C 238 6.81 -16.21 17.66
CA GLU C 238 7.11 -15.85 16.27
C GLU C 238 7.10 -14.33 16.03
N VAL C 239 6.14 -13.64 16.65
CA VAL C 239 6.10 -12.18 16.59
C VAL C 239 7.34 -11.57 17.26
N ALA C 240 7.69 -12.10 18.43
CA ALA C 240 8.90 -11.70 19.16
C ALA C 240 10.18 -11.92 18.35
N ALA C 241 10.28 -13.02 17.60
CA ALA C 241 11.44 -13.29 16.73
C ALA C 241 11.64 -12.19 15.68
N THR C 242 10.52 -11.72 15.09
CA THR C 242 10.56 -10.63 14.12
C THR C 242 10.90 -9.29 14.78
N ILE C 243 10.44 -9.11 16.01
CA ILE C 243 10.81 -7.90 16.74
C ILE C 243 12.32 -7.92 16.93
N ALA C 244 12.86 -9.12 17.18
CA ALA C 244 14.31 -9.27 17.48
C ALA C 244 15.12 -8.93 16.25
N PHE C 245 14.61 -9.32 15.10
CA PHE C 245 15.20 -8.97 13.82
C PHE C 245 15.30 -7.47 13.65
N LEU C 246 14.19 -6.78 13.89
CA LEU C 246 14.11 -5.33 13.79
C LEU C 246 14.93 -4.60 14.84
N ALA C 247 15.19 -5.25 15.98
CA ALA C 247 16.09 -4.69 16.99
C ALA C 247 17.57 -4.91 16.69
N SER C 248 17.87 -5.89 15.83
CA SER C 248 19.23 -6.32 15.59
C SER C 248 19.86 -5.67 14.34
N ASP C 249 21.13 -5.87 14.19
CA ASP C 249 21.89 -5.38 13.08
C ASP C 249 21.54 -6.04 11.76
N TYR C 250 20.80 -7.14 11.76
CA TYR C 250 20.36 -7.76 10.49
C TYR C 250 19.41 -6.82 9.73
N SER C 251 18.76 -5.95 10.46
CA SER C 251 17.90 -4.94 9.91
C SER C 251 18.62 -3.57 9.74
N SER C 252 19.94 -3.58 9.58
CA SER C 252 20.78 -2.42 9.61
C SER C 252 20.33 -1.28 8.66
N TYR C 253 19.88 -1.54 7.45
CA TYR C 253 19.48 -0.44 6.63
C TYR C 253 18.03 0.04 6.85
N MET C 254 17.24 -0.72 7.57
CA MET C 254 15.84 -0.43 7.67
C MET C 254 15.49 0.62 8.68
N THR C 255 14.73 1.61 8.29
CA THR C 255 14.11 2.51 9.19
C THR C 255 12.76 2.99 8.62
N GLY C 256 11.82 3.28 9.50
CA GLY C 256 10.50 3.80 9.11
C GLY C 256 9.68 2.76 8.35
N GLU C 257 10.02 1.49 8.53
CA GLU C 257 9.25 0.38 7.92
C GLU C 257 8.27 -0.27 8.89
N VAL C 258 7.31 -0.98 8.29
CA VAL C 258 6.28 -1.73 9.00
C VAL C 258 6.27 -3.15 8.38
N VAL C 259 6.57 -4.17 9.17
CA VAL C 259 6.68 -5.55 8.65
C VAL C 259 5.46 -6.35 9.06
N SER C 260 4.67 -6.80 8.07
CA SER C 260 3.48 -7.59 8.33
C SER C 260 3.81 -9.01 8.76
N VAL C 261 3.23 -9.43 9.88
CA VAL C 261 3.49 -10.77 10.39
C VAL C 261 2.12 -11.37 10.81
N SER C 262 1.34 -11.89 9.88
CA SER C 262 1.66 -12.01 8.44
C SER C 262 0.34 -11.96 7.70
N SER C 263 0.13 -10.89 6.93
CA SER C 263 -1.14 -10.71 6.22
CA SER C 263 -1.13 -10.67 6.23
C SER C 263 -0.97 -10.56 4.72
N GLN C 264 0.24 -10.87 4.20
CA GLN C 264 0.56 -10.71 2.74
C GLN C 264 0.28 -9.29 2.26
N ARG C 265 0.80 -8.33 3.03
CA ARG C 265 0.57 -6.92 2.81
C ARG C 265 1.28 -6.50 1.51
N ALA C 266 0.48 -6.00 0.54
CA ALA C 266 0.94 -5.55 -0.75
C ALA C 266 1.17 -4.04 -0.77
N ASN D 6 -1.55 22.62 -21.45
CA ASN D 6 -0.29 22.19 -20.79
C ASN D 6 -0.49 21.93 -19.30
N LEU D 7 -0.12 20.73 -18.85
CA LEU D 7 -0.44 20.28 -17.49
C LEU D 7 0.24 21.06 -16.35
N SER D 8 1.29 21.82 -16.67
CA SER D 8 1.98 22.59 -15.62
C SER D 8 1.33 23.96 -15.34
N GLU D 9 0.37 24.35 -16.17
CA GLU D 9 -0.40 25.57 -15.93
C GLU D 9 -1.65 25.27 -15.10
N ALA D 10 -1.93 26.15 -14.14
CA ALA D 10 -3.14 26.05 -13.32
C ALA D 10 -4.37 26.06 -14.23
N PRO D 11 -5.20 25.00 -14.17
CA PRO D 11 -6.41 24.96 -15.00
C PRO D 11 -7.59 25.74 -14.40
N LYS D 12 -8.49 26.24 -15.26
CA LYS D 12 -9.72 26.92 -14.79
C LYS D 12 -10.74 25.92 -14.27
N GLU D 13 -11.48 26.32 -13.25
CA GLU D 13 -12.51 25.47 -12.71
C GLU D 13 -13.59 25.14 -13.75
N ILE D 14 -13.93 23.86 -13.79
CA ILE D 14 -14.95 23.34 -14.69
C ILE D 14 -16.37 23.68 -14.24
N ASP D 15 -17.30 23.70 -15.18
CA ASP D 15 -18.71 23.91 -14.87
C ASP D 15 -19.28 22.76 -14.01
N GLY D 16 -20.44 22.99 -13.40
CA GLY D 16 -21.21 21.93 -12.78
C GLY D 16 -21.79 21.01 -13.85
N HIS D 17 -22.10 19.77 -13.47
CA HIS D 17 -22.63 18.76 -14.39
C HIS D 17 -23.80 18.03 -13.76
N GLY D 18 -24.44 18.67 -12.79
CA GLY D 18 -25.62 18.13 -12.10
C GLY D 18 -25.36 16.84 -11.31
N LEU D 19 -24.14 16.68 -10.80
CA LEU D 19 -23.73 15.42 -10.16
C LEU D 19 -24.44 15.22 -8.82
N LEU D 20 -24.92 16.32 -8.22
CA LEU D 20 -25.55 16.31 -6.91
C LEU D 20 -26.93 17.01 -6.87
N LYS D 21 -27.60 17.00 -8.00
CA LYS D 21 -28.86 17.71 -8.17
C LYS D 21 -29.84 17.27 -7.09
N GLY D 22 -30.35 18.22 -6.31
CA GLY D 22 -31.34 17.93 -5.28
C GLY D 22 -30.81 17.46 -3.92
N LYS D 23 -29.50 17.21 -3.82
CA LYS D 23 -28.93 16.68 -2.58
C LYS D 23 -28.64 17.79 -1.57
N VAL D 24 -28.80 17.48 -0.29
CA VAL D 24 -28.34 18.39 0.75
C VAL D 24 -26.95 17.95 1.15
N VAL D 25 -25.97 18.81 0.90
CA VAL D 25 -24.59 18.55 1.20
C VAL D 25 -24.17 19.46 2.39
N LEU D 26 -23.64 18.87 3.46
CA LEU D 26 -23.11 19.62 4.61
C LEU D 26 -21.60 19.59 4.51
N VAL D 27 -20.96 20.76 4.64
CA VAL D 27 -19.49 20.81 4.50
C VAL D 27 -18.85 21.48 5.74
N THR D 28 -17.89 20.81 6.38
CA THR D 28 -17.25 21.44 7.52
C THR D 28 -15.98 22.23 7.15
N ALA D 29 -15.45 22.99 8.11
CA ALA D 29 -14.33 23.96 7.93
C ALA D 29 -14.48 24.78 6.65
N ALA D 30 -15.66 25.37 6.49
CA ALA D 30 -16.07 25.94 5.21
C ALA D 30 -16.13 27.47 5.16
N ALA D 31 -15.61 28.14 6.16
CA ALA D 31 -15.60 29.61 6.13
C ALA D 31 -14.40 30.09 5.32
N GLY D 32 -14.56 31.22 4.63
CA GLY D 32 -13.44 31.92 3.99
C GLY D 32 -12.81 31.20 2.81
N THR D 33 -11.48 31.20 2.75
CA THR D 33 -10.78 30.67 1.60
C THR D 33 -10.16 29.39 2.12
N GLY D 34 -10.44 28.30 1.43
CA GLY D 34 -10.01 27.00 1.89
C GLY D 34 -10.78 25.96 1.14
N ILE D 35 -10.37 24.71 1.31
CA ILE D 35 -10.99 23.60 0.59
C ILE D 35 -12.46 23.42 0.98
N GLY D 36 -12.80 23.73 2.24
CA GLY D 36 -14.19 23.75 2.67
C GLY D 36 -15.08 24.65 1.84
N SER D 37 -14.73 25.93 1.70
CA SER D 37 -15.57 26.82 0.92
C SER D 37 -15.56 26.47 -0.54
N THR D 38 -14.42 26.01 -1.02
CA THR D 38 -14.26 25.52 -2.41
C THR D 38 -15.14 24.28 -2.68
N THR D 39 -15.18 23.37 -1.71
CA THR D 39 -16.07 22.22 -1.78
C THR D 39 -17.56 22.62 -1.74
N ALA D 40 -17.92 23.59 -0.89
CA ALA D 40 -19.31 24.07 -0.82
C ALA D 40 -19.72 24.67 -2.15
N ARG D 41 -18.83 25.45 -2.76
CA ARG D 41 -19.09 26.04 -4.08
C ARG D 41 -19.31 24.92 -5.11
N ARG D 42 -18.41 23.92 -5.11
CA ARG D 42 -18.59 22.79 -6.03
C ARG D 42 -19.93 22.10 -5.89
N ALA D 43 -20.35 21.89 -4.63
CA ALA D 43 -21.63 21.24 -4.34
C ALA D 43 -22.74 22.06 -5.01
N LEU D 44 -22.67 23.38 -4.85
CA LEU D 44 -23.64 24.27 -5.44
C LEU D 44 -23.64 24.23 -6.95
N LEU D 45 -22.45 24.20 -7.55
CA LEU D 45 -22.35 24.06 -9.00
C LEU D 45 -23.01 22.76 -9.51
N GLU D 46 -22.92 21.70 -8.71
CA GLU D 46 -23.50 20.38 -9.04
C GLU D 46 -25.00 20.25 -8.74
N GLY D 47 -25.67 21.35 -8.36
CA GLY D 47 -27.13 21.36 -8.19
C GLY D 47 -27.65 21.14 -6.77
N ALA D 48 -26.74 21.10 -5.81
CA ALA D 48 -27.07 20.77 -4.41
C ALA D 48 -27.60 22.00 -3.67
N ASP D 49 -28.31 21.77 -2.58
CA ASP D 49 -28.44 22.76 -1.50
C ASP D 49 -27.39 22.45 -0.45
N VAL D 50 -26.84 23.50 0.17
CA VAL D 50 -25.63 23.32 0.98
C VAL D 50 -25.77 23.94 2.35
N VAL D 51 -25.22 23.24 3.34
CA VAL D 51 -25.05 23.79 4.67
C VAL D 51 -23.57 23.89 4.92
N ILE D 52 -23.07 25.08 5.24
CA ILE D 52 -21.65 25.22 5.55
C ILE D 52 -21.48 25.39 7.04
N SER D 53 -20.36 24.91 7.56
CA SER D 53 -20.12 24.95 8.98
C SER D 53 -18.68 25.37 9.26
N ASP D 54 -18.48 26.11 10.33
CA ASP D 54 -17.14 26.51 10.75
C ASP D 54 -17.19 27.02 12.19
N TYR D 55 -16.01 27.15 12.78
CA TYR D 55 -15.85 27.72 14.13
C TYR D 55 -16.11 29.23 14.15
N HIS D 56 -15.61 29.94 13.13
CA HIS D 56 -15.57 31.40 13.17
C HIS D 56 -16.87 31.96 12.63
N GLU D 57 -17.70 32.51 13.53
CA GLU D 57 -19.07 32.88 13.17
C GLU D 57 -19.21 33.97 12.09
N ARG D 58 -18.38 35.00 12.15
CA ARG D 58 -18.56 36.17 11.27
C ARG D 58 -18.04 35.81 9.87
N ARG D 59 -16.91 35.12 9.81
CA ARG D 59 -16.34 34.59 8.55
C ARG D 59 -17.29 33.63 7.87
N LEU D 60 -17.98 32.81 8.67
CA LEU D 60 -18.93 31.83 8.11
C LEU D 60 -20.13 32.52 7.47
N GLY D 61 -20.65 33.54 8.14
CA GLY D 61 -21.75 34.31 7.58
C GLY D 61 -21.39 34.95 6.26
N GLU D 62 -20.19 35.53 6.17
CA GLU D 62 -19.71 36.16 4.92
C GLU D 62 -19.65 35.14 3.76
N THR D 63 -19.06 33.98 4.03
CA THR D 63 -19.05 32.88 3.02
C THR D 63 -20.46 32.46 2.68
N ARG D 64 -21.34 32.34 3.69
CA ARG D 64 -22.75 32.02 3.41
C ARG D 64 -23.34 33.05 2.42
N ASP D 65 -23.08 34.33 2.65
CA ASP D 65 -23.62 35.37 1.78
C ASP D 65 -23.02 35.33 0.36
N GLN D 66 -21.71 35.17 0.28
CA GLN D 66 -20.99 35.07 -0.98
C GLN D 66 -21.55 33.89 -1.80
N LEU D 67 -21.79 32.75 -1.14
CA LEU D 67 -22.29 31.54 -1.83
C LEU D 67 -23.75 31.68 -2.31
N ALA D 68 -24.62 32.17 -1.43
CA ALA D 68 -26.01 32.44 -1.80
C ALA D 68 -26.09 33.44 -2.95
N ASP D 69 -25.11 34.33 -3.06
CA ASP D 69 -25.09 35.32 -4.16
C ASP D 69 -24.83 34.70 -5.53
N LEU D 70 -24.27 33.49 -5.58
CA LEU D 70 -24.03 32.81 -6.88
C LEU D 70 -25.34 32.57 -7.63
N GLY D 71 -26.42 32.62 -6.87
CA GLY D 71 -27.78 32.52 -7.40
C GLY D 71 -28.13 31.08 -7.74
N LEU D 72 -27.51 30.12 -7.04
CA LEU D 72 -27.70 28.70 -7.34
C LEU D 72 -28.56 28.06 -6.23
N GLY D 73 -28.12 26.95 -5.64
CA GLY D 73 -28.88 26.32 -4.56
C GLY D 73 -28.97 27.17 -3.30
N ARG D 74 -29.80 26.72 -2.37
CA ARG D 74 -29.94 27.39 -1.06
C ARG D 74 -28.69 27.14 -0.23
N VAL D 75 -28.27 28.16 0.55
CA VAL D 75 -27.06 28.10 1.38
C VAL D 75 -27.38 28.50 2.81
N GLU D 76 -27.16 27.57 3.74
CA GLU D 76 -27.38 27.78 5.16
C GLU D 76 -26.05 27.63 5.92
N ALA D 77 -25.98 28.20 7.11
CA ALA D 77 -24.76 28.16 7.89
C ALA D 77 -25.07 27.77 9.31
N VAL D 78 -24.22 26.89 9.86
CA VAL D 78 -24.38 26.47 11.23
C VAL D 78 -23.01 26.50 11.86
N VAL D 79 -22.92 27.18 13.00
CA VAL D 79 -21.67 27.31 13.71
C VAL D 79 -21.38 26.03 14.50
N CYS D 80 -20.16 25.53 14.38
CA CYS D 80 -19.76 24.35 15.12
C CYS D 80 -18.27 24.34 15.48
N ASP D 81 -17.99 24.24 16.77
CA ASP D 81 -16.65 23.89 17.24
C ASP D 81 -16.55 22.36 17.24
N VAL D 82 -15.77 21.82 16.31
CA VAL D 82 -15.72 20.37 16.08
C VAL D 82 -15.01 19.57 17.17
N THR D 83 -14.33 20.26 18.08
CA THR D 83 -13.76 19.60 19.25
C THR D 83 -14.84 19.35 20.31
N SER D 84 -16.05 19.86 20.08
CA SER D 84 -17.17 19.62 21.01
C SER D 84 -18.20 18.63 20.47
N THR D 85 -18.32 17.48 21.14
CA THR D 85 -19.35 16.51 20.83
C THR D 85 -20.77 17.10 20.84
N GLU D 86 -21.10 17.91 21.86
CA GLU D 86 -22.41 18.58 21.93
C GLU D 86 -22.65 19.44 20.70
N ALA D 87 -21.65 20.20 20.28
CA ALA D 87 -21.77 21.06 19.09
C ALA D 87 -21.83 20.30 17.74
N VAL D 88 -21.07 19.21 17.61
CA VAL D 88 -21.15 18.37 16.39
C VAL D 88 -22.51 17.67 16.35
N ASP D 89 -23.02 17.22 17.49
CA ASP D 89 -24.36 16.60 17.52
C ASP D 89 -25.42 17.61 17.09
N ALA D 90 -25.29 18.85 17.56
CA ALA D 90 -26.22 19.95 17.16
C ALA D 90 -26.05 20.38 15.70
N LEU D 91 -24.86 20.16 15.13
CA LEU D 91 -24.64 20.51 13.70
C LEU D 91 -25.54 19.69 12.84
N ILE D 92 -25.54 18.36 13.05
CA ILE D 92 -26.44 17.48 12.27
C ILE D 92 -27.91 17.84 12.53
N THR D 93 -28.28 17.98 13.80
CA THR D 93 -29.65 18.34 14.19
C THR D 93 -30.13 19.59 13.45
N GLN D 94 -29.34 20.67 13.51
CA GLN D 94 -29.70 21.96 12.88
C GLN D 94 -29.67 21.90 11.35
N THR D 95 -28.77 21.09 10.83
CA THR D 95 -28.72 20.83 9.40
C THR D 95 -30.04 20.24 8.92
N VAL D 96 -30.55 19.24 9.63
CA VAL D 96 -31.82 18.61 9.24
C VAL D 96 -33.01 19.56 9.45
N GLU D 97 -32.96 20.32 10.55
CA GLU D 97 -33.95 21.38 10.85
C GLU D 97 -34.01 22.50 9.79
N LYS D 98 -32.85 22.90 9.26
CA LYS D 98 -32.79 23.99 8.28
C LYS D 98 -33.02 23.54 6.84
N ALA D 99 -32.40 22.42 6.47
CA ALA D 99 -32.44 21.95 5.10
C ALA D 99 -33.43 20.81 4.93
N GLY D 100 -33.97 20.28 6.04
CA GLY D 100 -34.96 19.21 5.94
C GLY D 100 -34.43 17.79 5.97
N ARG D 101 -33.17 17.62 5.57
CA ARG D 101 -32.52 16.30 5.51
C ARG D 101 -31.00 16.47 5.37
N LEU D 102 -30.29 15.34 5.42
CA LEU D 102 -28.87 15.29 5.08
C LEU D 102 -28.65 14.13 4.10
N ASP D 103 -27.97 14.42 2.99
CA ASP D 103 -27.61 13.40 2.02
C ASP D 103 -26.13 13.12 1.99
N VAL D 104 -25.33 14.19 2.05
CA VAL D 104 -23.88 14.08 1.89
C VAL D 104 -23.22 14.89 2.99
N LEU D 105 -22.30 14.26 3.71
CA LEU D 105 -21.43 14.99 4.63
C LEU D 105 -19.97 14.97 4.14
N VAL D 106 -19.34 16.14 4.07
CA VAL D 106 -17.93 16.23 3.70
C VAL D 106 -17.17 16.70 4.95
N ASN D 107 -16.30 15.82 5.48
CA ASN D 107 -15.52 16.13 6.67
C ASN D 107 -14.16 16.74 6.32
N ASN D 108 -14.12 18.06 6.34
CA ASN D 108 -12.88 18.78 5.98
C ASN D 108 -11.96 19.16 7.10
N ALA D 109 -12.48 19.35 8.30
CA ALA D 109 -11.62 19.91 9.36
C ALA D 109 -10.24 19.21 9.53
N GLY D 110 -9.15 19.99 9.53
CA GLY D 110 -7.80 19.53 9.85
C GLY D 110 -6.98 20.64 10.51
N LEU D 111 -6.10 20.26 11.45
CA LEU D 111 -5.16 21.22 12.05
C LEU D 111 -3.69 20.80 11.83
N GLY D 112 -2.96 21.64 11.09
CA GLY D 112 -1.55 21.38 10.78
C GLY D 112 -0.55 21.78 11.85
N GLY D 113 0.66 21.24 11.76
CA GLY D 113 1.76 21.61 12.63
C GLY D 113 3.13 21.23 12.08
N GLN D 114 4.17 21.71 12.75
CA GLN D 114 5.52 21.30 12.43
C GLN D 114 6.33 21.26 13.72
N THR D 115 6.42 20.06 14.31
CA THR D 115 7.15 19.79 15.55
C THR D 115 7.77 18.38 15.54
N PRO D 116 9.10 18.29 15.79
CA PRO D 116 9.67 16.95 15.94
C PRO D 116 9.17 16.28 17.21
N VAL D 117 9.16 14.95 17.18
CA VAL D 117 8.75 14.13 18.31
C VAL D 117 9.63 14.45 19.50
N VAL D 118 10.95 14.48 19.26
CA VAL D 118 11.92 14.75 20.34
C VAL D 118 11.55 16.00 21.13
N ASP D 119 10.93 16.99 20.47
CA ASP D 119 10.52 18.24 21.13
C ASP D 119 9.00 18.44 21.16
N MET D 120 8.24 17.37 20.93
CA MET D 120 6.75 17.39 20.95
C MET D 120 6.15 17.68 22.35
N THR D 121 5.16 18.57 22.38
CA THR D 121 4.44 18.87 23.61
C THR D 121 3.17 18.04 23.53
N ASP D 122 2.67 17.55 24.66
CA ASP D 122 1.38 16.82 24.63
C ASP D 122 0.21 17.75 24.21
N GLU D 123 0.24 19.01 24.66
CA GLU D 123 -0.79 19.97 24.30
C GLU D 123 -1.02 19.98 22.79
N GLU D 124 0.08 20.09 22.02
CA GLU D 124 -0.07 20.17 20.56
C GLU D 124 -0.54 18.83 20.01
N TRP D 125 0.08 17.75 20.47
CA TRP D 125 -0.29 16.41 20.04
C TRP D 125 -1.78 16.17 20.14
N ASP D 126 -2.33 16.38 21.33
CA ASP D 126 -3.73 16.10 21.61
C ASP D 126 -4.63 17.00 20.81
N ARG D 127 -4.22 18.25 20.64
CA ARG D 127 -5.00 19.23 19.88
C ARG D 127 -5.13 18.78 18.42
N VAL D 128 -4.00 18.34 17.87
CA VAL D 128 -3.90 17.93 16.47
C VAL D 128 -4.72 16.66 16.27
N LEU D 129 -4.58 15.72 17.18
CA LEU D 129 -5.41 14.52 17.11
C LEU D 129 -6.92 14.84 17.21
N ASN D 130 -7.28 15.75 18.12
CA ASN D 130 -8.67 16.11 18.40
C ASN D 130 -9.39 16.77 17.22
N VAL D 131 -8.73 17.77 16.65
CA VAL D 131 -9.29 18.51 15.52
C VAL D 131 -9.27 17.70 14.22
N THR D 132 -8.26 16.88 14.05
CA THR D 132 -7.98 16.28 12.77
C THR D 132 -8.60 14.89 12.61
N LEU D 133 -8.63 14.15 13.71
CA LEU D 133 -9.12 12.76 13.70
C LEU D 133 -10.44 12.60 14.47
N THR D 134 -10.44 13.01 15.73
CA THR D 134 -11.59 12.73 16.60
C THR D 134 -12.84 13.48 16.15
N SER D 135 -12.67 14.69 15.62
CA SER D 135 -13.80 15.40 15.02
C SER D 135 -14.49 14.64 13.88
N VAL D 136 -13.70 13.92 13.07
CA VAL D 136 -14.23 13.11 12.00
C VAL D 136 -15.06 11.94 12.54
N MET D 137 -14.57 11.30 13.60
CA MET D 137 -15.36 10.31 14.34
C MET D 137 -16.65 10.93 14.86
N ARG D 138 -16.57 12.10 15.53
CA ARG D 138 -17.78 12.78 16.09
C ARG D 138 -18.85 13.01 15.01
N ALA D 139 -18.41 13.54 13.87
CA ALA D 139 -19.34 13.93 12.83
C ALA D 139 -19.95 12.69 12.15
N THR D 140 -19.16 11.63 12.04
CA THR D 140 -19.60 10.41 11.37
C THR D 140 -20.60 9.72 12.27
N ARG D 141 -20.30 9.72 13.58
CA ARG D 141 -21.23 9.17 14.57
C ARG D 141 -22.58 9.88 14.48
N ALA D 142 -22.58 11.22 14.56
CA ALA D 142 -23.84 11.98 14.48
C ALA D 142 -24.62 11.76 13.15
N ALA D 143 -23.93 11.79 12.02
CA ALA D 143 -24.55 11.42 10.72
C ALA D 143 -25.22 10.04 10.69
N LEU D 144 -24.47 8.99 11.09
CA LEU D 144 -24.99 7.62 11.07
C LEU D 144 -26.20 7.47 11.98
N ARG D 145 -26.19 8.21 13.09
CA ARG D 145 -27.30 8.24 14.02
C ARG D 145 -28.53 8.84 13.34
N TYR D 146 -28.29 9.87 12.52
CA TYR D 146 -29.36 10.49 11.74
C TYR D 146 -29.88 9.51 10.71
N PHE D 147 -28.98 8.82 10.01
CA PHE D 147 -29.38 7.89 8.93
C PHE D 147 -30.15 6.69 9.47
N ARG D 148 -29.77 6.22 10.66
CA ARG D 148 -30.50 5.12 11.35
C ARG D 148 -32.01 5.45 11.53
N GLY D 149 -32.31 6.73 11.76
CA GLY D 149 -33.70 7.22 11.98
C GLY D 149 -34.50 7.66 10.78
N VAL D 150 -33.94 7.53 9.56
CA VAL D 150 -34.70 7.86 8.33
C VAL D 150 -34.70 6.72 7.30
N ASP D 151 -35.58 6.85 6.30
CA ASP D 151 -35.82 5.77 5.34
C ASP D 151 -34.94 5.89 4.09
N HIS D 152 -33.72 6.40 4.29
CA HIS D 152 -32.78 6.61 3.22
C HIS D 152 -31.33 6.64 3.75
N GLY D 153 -30.41 6.44 2.82
CA GLY D 153 -29.00 6.47 3.14
C GLY D 153 -28.40 7.76 2.61
N GLY D 154 -27.13 7.69 2.27
CA GLY D 154 -26.37 8.88 1.98
C GLY D 154 -24.90 8.55 1.79
N VAL D 155 -24.07 9.59 1.83
CA VAL D 155 -22.65 9.46 1.52
C VAL D 155 -21.85 10.36 2.42
N ILE D 156 -20.73 9.84 2.93
CA ILE D 156 -19.79 10.68 3.65
C ILE D 156 -18.46 10.70 2.87
N VAL D 157 -17.85 11.89 2.79
CA VAL D 157 -16.53 12.00 2.19
C VAL D 157 -15.56 12.58 3.19
N ASN D 158 -14.56 11.82 3.55
CA ASN D 158 -13.53 12.29 4.43
C ASN D 158 -12.32 12.96 3.73
N ASN D 159 -11.67 13.89 4.40
CA ASN D 159 -10.53 14.50 3.79
C ASN D 159 -9.30 14.13 4.56
N ALA D 160 -8.51 13.26 4.00
CA ALA D 160 -7.31 12.81 4.65
C ALA D 160 -6.12 13.63 4.16
N SER D 161 -5.01 12.99 3.91
CA SER D 161 -3.81 13.64 3.40
C SER D 161 -2.71 12.66 2.99
N VAL D 162 -1.85 13.07 2.09
CA VAL D 162 -0.73 12.27 1.66
C VAL D 162 0.11 11.95 2.89
N LEU D 163 0.08 12.81 3.87
CA LEU D 163 0.86 12.65 5.06
C LEU D 163 0.54 11.36 5.85
N GLY D 164 -0.61 10.78 5.56
CA GLY D 164 -0.94 9.52 6.12
C GLY D 164 0.06 8.43 5.72
N TRP D 165 0.56 8.51 4.52
CA TRP D 165 1.53 7.60 3.99
C TRP D 165 3.00 8.04 4.07
N ARG D 166 3.23 9.34 3.86
CA ARG D 166 4.58 9.90 3.74
C ARG D 166 5.39 9.98 5.04
N ALA D 167 6.66 9.60 4.96
CA ALA D 167 7.55 9.72 6.10
C ALA D 167 8.04 11.17 6.09
N GLN D 168 7.65 11.97 7.06
CA GLN D 168 8.01 13.39 6.99
C GLN D 168 8.45 13.91 8.33
N HIS D 169 9.64 14.53 8.31
CA HIS D 169 10.22 15.15 9.48
C HIS D 169 9.22 16.16 10.06
N SER D 170 8.99 16.10 11.37
CA SER D 170 8.20 17.09 12.11
C SER D 170 6.69 17.09 11.86
N GLN D 171 6.16 16.02 11.28
CA GLN D 171 4.72 15.90 10.94
C GLN D 171 4.06 14.69 11.61
N SER D 172 4.71 14.12 12.62
CA SER D 172 4.23 12.89 13.22
C SER D 172 2.82 13.01 13.78
N HIS D 173 2.46 14.18 14.31
CA HIS D 173 1.09 14.36 14.85
C HIS D 173 -0.03 14.40 13.77
N TYR D 174 0.15 15.28 12.80
CA TYR D 174 -0.74 15.39 11.65
C TYR D 174 -0.78 14.07 10.89
N ALA D 175 0.40 13.46 10.69
CA ALA D 175 0.52 12.19 9.97
C ALA D 175 -0.21 11.07 10.69
N ALA D 176 -0.01 10.95 12.01
CA ALA D 176 -0.77 9.96 12.77
C ALA D 176 -2.27 10.18 12.64
N ALA D 177 -2.72 11.42 12.85
CA ALA D 177 -4.14 11.78 12.78
C ALA D 177 -4.73 11.41 11.42
N LYS D 178 -4.01 11.74 10.34
CA LYS D 178 -4.50 11.50 8.97
C LYS D 178 -4.51 10.02 8.53
N ALA D 179 -3.44 9.27 8.84
CA ALA D 179 -3.47 7.83 8.74
C ALA D 179 -4.67 7.27 9.53
N GLY D 180 -4.91 7.83 10.71
CA GLY D 180 -6.07 7.48 11.55
C GLY D 180 -7.38 7.73 10.83
N VAL D 181 -7.49 8.85 10.12
CA VAL D 181 -8.69 9.12 9.37
C VAL D 181 -8.89 8.06 8.27
N MET D 182 -7.80 7.60 7.67
CA MET D 182 -7.89 6.58 6.62
C MET D 182 -8.48 5.25 7.16
N ALA D 183 -7.96 4.80 8.30
CA ALA D 183 -8.46 3.60 8.95
C ALA D 183 -9.89 3.76 9.47
N LEU D 184 -10.20 4.91 10.06
CA LEU D 184 -11.58 5.21 10.42
C LEU D 184 -12.52 5.16 9.21
N THR D 185 -12.07 5.71 8.07
CA THR D 185 -12.83 5.69 6.85
C THR D 185 -13.18 4.24 6.44
N ARG D 186 -12.18 3.35 6.53
CA ARG D 186 -12.37 1.94 6.16
C ARG D 186 -13.37 1.22 7.06
N CYS D 187 -13.11 1.30 8.36
CA CYS D 187 -13.93 0.61 9.38
C CYS D 187 -15.35 1.18 9.44
N SER D 188 -15.48 2.50 9.47
CA SER D 188 -16.81 3.09 9.46
C SER D 188 -17.59 2.74 8.18
N ALA D 189 -16.90 2.65 7.03
CA ALA D 189 -17.57 2.28 5.78
C ALA D 189 -18.23 0.88 5.86
N ILE D 190 -17.51 -0.08 6.43
CA ILE D 190 -18.05 -1.45 6.54
C ILE D 190 -19.32 -1.43 7.37
N GLU D 191 -19.31 -0.65 8.44
CA GLU D 191 -20.47 -0.54 9.32
C GLU D 191 -21.62 0.21 8.63
N ALA D 192 -21.28 1.25 7.86
CA ALA D 192 -22.29 2.15 7.25
C ALA D 192 -23.13 1.47 6.20
N VAL D 193 -22.62 0.38 5.65
CA VAL D 193 -23.36 -0.43 4.66
C VAL D 193 -24.78 -0.69 5.16
N GLU D 194 -24.89 -0.98 6.46
CA GLU D 194 -26.16 -1.39 7.03
C GLU D 194 -27.18 -0.28 6.97
N PHE D 195 -26.71 0.97 6.99
CA PHE D 195 -27.58 2.15 6.80
C PHE D 195 -27.77 2.64 5.35
N GLY D 196 -27.21 1.91 4.37
CA GLY D 196 -27.17 2.38 2.99
C GLY D 196 -26.31 3.66 2.86
N VAL D 197 -25.21 3.74 3.62
CA VAL D 197 -24.37 4.93 3.60
C VAL D 197 -23.00 4.46 3.09
N ARG D 198 -22.47 5.16 2.10
CA ARG D 198 -21.09 4.94 1.65
C ARG D 198 -20.15 5.93 2.31
N ILE D 199 -18.92 5.48 2.64
CA ILE D 199 -17.91 6.39 3.25
C ILE D 199 -16.54 6.20 2.54
N ASN D 200 -16.02 7.27 1.95
CA ASN D 200 -14.70 7.19 1.32
C ASN D 200 -13.93 8.44 1.72
N ALA D 201 -12.66 8.51 1.33
CA ALA D 201 -11.86 9.68 1.67
C ALA D 201 -11.11 10.09 0.43
N VAL D 202 -10.88 11.38 0.32
CA VAL D 202 -9.91 11.92 -0.64
C VAL D 202 -8.56 12.09 0.12
N SER D 203 -7.44 11.96 -0.57
CA SER D 203 -6.13 12.15 0.10
C SER D 203 -5.25 13.11 -0.70
N PRO D 204 -5.35 14.41 -0.38
CA PRO D 204 -4.68 15.43 -1.19
C PRO D 204 -3.19 15.39 -0.96
N SER D 205 -2.44 15.63 -2.02
CA SER D 205 -1.02 15.86 -1.84
C SER D 205 -0.83 17.29 -1.27
N ILE D 206 0.30 17.53 -0.62
CA ILE D 206 0.62 18.83 -0.02
C ILE D 206 2.15 18.96 -0.12
N ALA D 207 2.64 20.15 -0.47
CA ALA D 207 4.09 20.36 -0.59
C ALA D 207 4.74 20.04 0.76
N ARG D 208 5.97 19.51 0.75
CA ARG D 208 6.64 19.25 2.02
C ARG D 208 7.06 20.56 2.73
N HIS D 209 7.01 21.68 2.02
CA HIS D 209 7.45 23.00 2.54
C HIS D 209 6.70 24.20 1.96
N ASP D 227 9.01 18.15 -7.77
CA ASP D 227 8.51 17.24 -6.75
C ASP D 227 7.04 16.80 -6.98
N GLU D 228 6.29 17.58 -7.74
CA GLU D 228 4.89 17.28 -8.12
C GLU D 228 4.90 16.84 -9.59
N ALA D 229 4.12 15.82 -9.92
CA ALA D 229 4.16 15.22 -11.25
C ALA D 229 3.94 16.21 -12.38
N PHE D 230 3.02 17.17 -12.15
CA PHE D 230 2.69 18.17 -13.16
C PHE D 230 3.62 19.36 -13.11
N GLY D 231 4.43 19.45 -12.05
CA GLY D 231 5.29 20.62 -11.79
C GLY D 231 4.52 21.78 -11.19
N ARG D 232 3.32 21.50 -10.68
CA ARG D 232 2.51 22.51 -10.01
C ARG D 232 1.75 21.86 -8.88
N ALA D 233 1.34 22.68 -7.90
CA ALA D 233 0.39 22.28 -6.86
C ALA D 233 -1.01 22.09 -7.49
N ALA D 234 -1.87 21.37 -6.78
CA ALA D 234 -3.28 21.23 -7.16
C ALA D 234 -3.95 22.56 -6.93
N GLU D 235 -4.88 22.92 -7.79
CA GLU D 235 -5.81 24.00 -7.48
C GLU D 235 -6.84 23.41 -6.52
N PRO D 236 -7.24 24.17 -5.48
CA PRO D 236 -8.27 23.62 -4.57
C PRO D 236 -9.50 23.07 -5.34
N TRP D 237 -9.89 23.71 -6.44
CA TRP D 237 -11.09 23.24 -7.16
C TRP D 237 -10.95 21.77 -7.59
N GLU D 238 -9.71 21.37 -7.95
CA GLU D 238 -9.40 20.00 -8.42
C GLU D 238 -9.62 18.99 -7.30
N VAL D 239 -9.25 19.35 -6.06
CA VAL D 239 -9.52 18.48 -4.92
C VAL D 239 -11.03 18.36 -4.68
N ALA D 240 -11.76 19.49 -4.67
CA ALA D 240 -13.23 19.48 -4.52
C ALA D 240 -13.98 18.66 -5.61
N ALA D 241 -13.41 18.64 -6.80
CA ALA D 241 -14.03 17.93 -7.93
C ALA D 241 -13.96 16.44 -7.69
N THR D 242 -12.86 16.00 -7.09
CA THR D 242 -12.74 14.56 -6.72
C THR D 242 -13.68 14.25 -5.54
N ILE D 243 -13.80 15.19 -4.60
CA ILE D 243 -14.82 15.07 -3.52
C ILE D 243 -16.22 14.90 -4.13
N ALA D 244 -16.52 15.72 -5.14
CA ALA D 244 -17.81 15.63 -5.86
C ALA D 244 -18.03 14.21 -6.43
N PHE D 245 -17.00 13.67 -7.10
CA PHE D 245 -17.06 12.30 -7.62
C PHE D 245 -17.42 11.30 -6.52
N LEU D 246 -16.72 11.36 -5.39
CA LEU D 246 -16.96 10.47 -4.26
C LEU D 246 -18.32 10.67 -3.61
N ALA D 247 -18.90 11.87 -3.77
CA ALA D 247 -20.25 12.12 -3.24
C ALA D 247 -21.36 11.66 -4.23
N SER D 248 -20.98 11.55 -5.51
CA SER D 248 -21.93 11.34 -6.60
C SER D 248 -22.16 9.86 -6.89
N ASP D 249 -23.15 9.57 -7.72
CA ASP D 249 -23.45 8.17 -8.10
C ASP D 249 -22.41 7.54 -9.02
N TYR D 250 -21.48 8.35 -9.50
CA TYR D 250 -20.38 7.84 -10.31
C TYR D 250 -19.49 6.88 -9.51
N SER D 251 -19.42 7.13 -8.22
CA SER D 251 -18.67 6.31 -7.28
C SER D 251 -19.55 5.24 -6.58
N SER D 252 -20.63 4.86 -7.24
CA SER D 252 -21.67 4.03 -6.68
C SER D 252 -21.14 2.75 -5.99
N TYR D 253 -20.22 2.03 -6.57
CA TYR D 253 -19.71 0.85 -5.94
C TYR D 253 -18.65 1.07 -4.82
N MET D 254 -18.08 2.25 -4.77
CA MET D 254 -16.99 2.46 -3.86
C MET D 254 -17.40 2.72 -2.41
N THR D 255 -16.82 1.98 -1.50
CA THR D 255 -16.89 2.37 -0.10
C THR D 255 -15.59 1.94 0.59
N GLY D 256 -15.16 2.71 1.58
CA GLY D 256 -13.95 2.44 2.32
C GLY D 256 -12.66 2.66 1.57
N GLU D 257 -12.74 3.45 0.49
CA GLU D 257 -11.56 3.76 -0.30
C GLU D 257 -10.92 5.09 0.08
N VAL D 258 -9.65 5.23 -0.31
CA VAL D 258 -8.87 6.46 -0.08
C VAL D 258 -8.21 6.85 -1.44
N VAL D 259 -8.66 7.95 -2.01
CA VAL D 259 -8.23 8.34 -3.36
C VAL D 259 -7.15 9.40 -3.27
N SER D 260 -5.94 9.01 -3.69
CA SER D 260 -4.83 9.94 -3.69
C SER D 260 -4.96 10.97 -4.83
N VAL D 261 -4.85 12.24 -4.46
CA VAL D 261 -4.92 13.37 -5.41
C VAL D 261 -3.83 14.38 -5.00
N SER D 262 -2.58 14.14 -5.40
CA SER D 262 -2.19 13.03 -6.29
C SER D 262 -0.74 12.72 -6.00
N SER D 263 -0.46 11.51 -5.53
CA SER D 263 0.92 11.18 -5.13
CA SER D 263 0.89 11.16 -5.09
C SER D 263 1.39 9.87 -5.71
N GLN D 264 0.68 9.37 -6.73
CA GLN D 264 1.01 8.07 -7.35
C GLN D 264 1.09 6.99 -6.25
N ARG D 265 0.04 6.91 -5.43
CA ARG D 265 -0.04 5.94 -4.34
C ARG D 265 -0.15 4.49 -4.87
N ALA D 266 0.86 3.67 -4.57
CA ALA D 266 0.94 2.25 -4.96
C ALA D 266 0.42 1.34 -3.86
#